data_410D
# 
_entry.id   410D 
# 
_audit_conform.dict_name       mmcif_pdbx.dic 
_audit_conform.dict_version    5.387 
_audit_conform.dict_location   http://mmcif.pdb.org/dictionaries/ascii/mmcif_pdbx.dic 
# 
loop_
_database_2.database_id 
_database_2.database_code 
_database_2.pdbx_database_accession 
_database_2.pdbx_DOI 
PDB   410D         pdb_0000410d 10.2210/pdb410d/pdb 
RCSB  AH0002       ?            ?                   
WWPDB D_1000179210 ?            ?                   
# 
loop_
_pdbx_audit_revision_history.ordinal 
_pdbx_audit_revision_history.data_content_type 
_pdbx_audit_revision_history.major_revision 
_pdbx_audit_revision_history.minor_revision 
_pdbx_audit_revision_history.revision_date 
1 'Structure model' 1 0 1998-07-17 
2 'Structure model' 1 1 2008-05-22 
3 'Structure model' 1 2 2011-07-13 
4 'Structure model' 1 3 2024-02-28 
# 
_pdbx_audit_revision_details.ordinal             1 
_pdbx_audit_revision_details.revision_ordinal    1 
_pdbx_audit_revision_details.data_content_type   'Structure model' 
_pdbx_audit_revision_details.provider            repository 
_pdbx_audit_revision_details.type                'Initial release' 
_pdbx_audit_revision_details.description         ? 
_pdbx_audit_revision_details.details             ? 
# 
loop_
_pdbx_audit_revision_group.ordinal 
_pdbx_audit_revision_group.revision_ordinal 
_pdbx_audit_revision_group.data_content_type 
_pdbx_audit_revision_group.group 
1 2 'Structure model' 'Version format compliance' 
2 3 'Structure model' 'Version format compliance' 
3 4 'Structure model' 'Data collection'           
4 4 'Structure model' 'Database references'       
5 4 'Structure model' 'Derived calculations'      
# 
loop_
_pdbx_audit_revision_category.ordinal 
_pdbx_audit_revision_category.revision_ordinal 
_pdbx_audit_revision_category.data_content_type 
_pdbx_audit_revision_category.category 
1 4 'Structure model' chem_comp_atom 
2 4 'Structure model' chem_comp_bond 
3 4 'Structure model' database_2     
4 4 'Structure model' struct_conn    
5 4 'Structure model' struct_site    
# 
loop_
_pdbx_audit_revision_item.ordinal 
_pdbx_audit_revision_item.revision_ordinal 
_pdbx_audit_revision_item.data_content_type 
_pdbx_audit_revision_item.item 
1 4 'Structure model' '_database_2.pdbx_DOI'                
2 4 'Structure model' '_database_2.pdbx_database_accession' 
3 4 'Structure model' '_struct_conn.pdbx_leaving_atom_flag' 
4 4 'Structure model' '_struct_site.pdbx_auth_asym_id'      
5 4 'Structure model' '_struct_site.pdbx_auth_comp_id'      
6 4 'Structure model' '_struct_site.pdbx_auth_seq_id'       
# 
_pdbx_database_status.status_code                     REL 
_pdbx_database_status.entry_id                        410D 
_pdbx_database_status.recvd_initial_deposition_date   1998-06-30 
_pdbx_database_status.deposit_site                    NDB 
_pdbx_database_status.process_site                    NDB 
_pdbx_database_status.SG_entry                        . 
_pdbx_database_status.pdb_format_compatible           Y 
_pdbx_database_status.status_code_mr                  ? 
_pdbx_database_status.status_code_sf                  ? 
_pdbx_database_status.status_code_cs                  ? 
_pdbx_database_status.status_code_nmr_data            ? 
_pdbx_database_status.methods_development_category    ? 
# 
loop_
_audit_author.name 
_audit_author.pdbx_ordinal 
'Tereshko, V.'  1 
'Portmann, S.'  2 
'Tay, E.C.'     3 
'Martin, P.'    4 
'Natt, F.'      5 
'Altmann, K.H.' 6 
'Egli, M.'      7 
# 
_citation.id                        primary 
_citation.title                     
;Correlating structure and stability of DNA duplexes with incorporated 2'-O-modified RNA analogues.
;
_citation.journal_abbrev            Biochemistry 
_citation.journal_volume            37 
_citation.page_first                10626 
_citation.page_last                 10634 
_citation.year                      1998 
_citation.journal_id_ASTM           BICHAW 
_citation.country                   US 
_citation.journal_id_ISSN           0006-2960 
_citation.journal_id_CSD            0033 
_citation.book_publisher            ? 
_citation.pdbx_database_id_PubMed   9692952 
_citation.pdbx_database_id_DOI      10.1021/bi980392a 
# 
loop_
_citation_author.citation_id 
_citation_author.name 
_citation_author.ordinal 
_citation_author.identifier_ORCID 
primary 'Tereshko, V.'  1 ? 
primary 'Portmann, S.'  2 ? 
primary 'Tay, E.C.'     3 ? 
primary 'Martin, P.'    4 ? 
primary 'Natt, F.'      5 ? 
primary 'Altmann, K.H.' 6 ? 
primary 'Egli, M.'      7 ? 
# 
loop_
_entity.id 
_entity.type 
_entity.src_method 
_entity.pdbx_description 
_entity.formula_weight 
_entity.pdbx_number_of_molecules 
_entity.pdbx_ec 
_entity.pdbx_mutation 
_entity.pdbx_fragment 
_entity.details 
1 polymer     man 
;DNA (5'-D(*GP*CP*GP*TP*AP*(T38)P*AP*CP*GP*C)-3')
;
3119.084 2   ? ? ? ? 
2 non-polymer syn SPERMINE                                           202.340  1   ? ? ? ? 
3 water       nat water                                              18.015   140 ? ? ? ? 
# 
_entity_poly.entity_id                      1 
_entity_poly.type                           polydeoxyribonucleotide 
_entity_poly.nstd_linkage                   no 
_entity_poly.nstd_monomer                   yes 
_entity_poly.pdbx_seq_one_letter_code       '(DG)(DC)(DG)(DT)(DA)(T38)(DA)(DC)(DG)(DC)' 
_entity_poly.pdbx_seq_one_letter_code_can   GCGTATACGC 
_entity_poly.pdbx_strand_id                 A,B 
_entity_poly.pdbx_target_identifier         ? 
# 
loop_
_pdbx_entity_nonpoly.entity_id 
_pdbx_entity_nonpoly.name 
_pdbx_entity_nonpoly.comp_id 
2 SPERMINE SPM 
3 water    HOH 
# 
loop_
_entity_poly_seq.entity_id 
_entity_poly_seq.num 
_entity_poly_seq.mon_id 
_entity_poly_seq.hetero 
1 1  DG  n 
1 2  DC  n 
1 3  DG  n 
1 4  DT  n 
1 5  DA  n 
1 6  T38 n 
1 7  DA  n 
1 8  DC  n 
1 9  DG  n 
1 10 DC  n 
# 
loop_
_chem_comp.id 
_chem_comp.type 
_chem_comp.mon_nstd_flag 
_chem_comp.name 
_chem_comp.pdbx_synonyms 
_chem_comp.formula 
_chem_comp.formula_weight 
DA  'DNA linking' y "2'-DEOXYADENOSINE-5'-MONOPHOSPHATE"              ? 'C10 H14 N5 O6 P'  331.222 
DC  'DNA linking' y "2'-DEOXYCYTIDINE-5'-MONOPHOSPHATE"               ? 'C9 H14 N3 O7 P'   307.197 
DG  'DNA linking' y "2'-DEOXYGUANOSINE-5'-MONOPHOSPHATE"              ? 'C10 H14 N5 O7 P'  347.221 
DT  'DNA linking' y "THYMIDINE-5'-MONOPHOSPHATE"                      ? 'C10 H15 N2 O8 P'  322.208 
HOH non-polymer   . WATER                                             ? 'H2 O'             18.015  
SPM non-polymer   . SPERMINE                                          ? 'C10 H26 N4'       202.340 
T38 'RNA linking' n 
;2'-O-ETHOXYMETHYLENE THYMIDINE 5'-MONOPHOSPHATE
;
? 'C13 H21 N2 O10 P' 396.287 
# 
loop_
_pdbx_poly_seq_scheme.asym_id 
_pdbx_poly_seq_scheme.entity_id 
_pdbx_poly_seq_scheme.seq_id 
_pdbx_poly_seq_scheme.mon_id 
_pdbx_poly_seq_scheme.ndb_seq_num 
_pdbx_poly_seq_scheme.pdb_seq_num 
_pdbx_poly_seq_scheme.auth_seq_num 
_pdbx_poly_seq_scheme.pdb_mon_id 
_pdbx_poly_seq_scheme.auth_mon_id 
_pdbx_poly_seq_scheme.pdb_strand_id 
_pdbx_poly_seq_scheme.pdb_ins_code 
_pdbx_poly_seq_scheme.hetero 
A 1 1  DG  1  1  1  DG  G  A . n 
A 1 2  DC  2  2  2  DC  C  A . n 
A 1 3  DG  3  3  3  DG  G  A . n 
A 1 4  DT  4  4  4  DT  T  A . n 
A 1 5  DA  5  5  5  DA  A  A . n 
A 1 6  T38 6  6  6  T38 +T A . n 
A 1 7  DA  7  7  7  DA  A  A . n 
A 1 8  DC  8  8  8  DC  C  A . n 
A 1 9  DG  9  9  9  DG  G  A . n 
A 1 10 DC  10 10 10 DC  C  A . n 
B 1 1  DG  1  11 11 DG  G  B . n 
B 1 2  DC  2  12 12 DC  C  B . n 
B 1 3  DG  3  13 13 DG  G  B . n 
B 1 4  DT  4  14 14 DT  T  B . n 
B 1 5  DA  5  15 15 DA  A  B . n 
B 1 6  T38 6  16 16 T38 +T B . n 
B 1 7  DA  7  17 17 DA  A  B . n 
B 1 8  DC  8  18 18 DC  C  B . n 
B 1 9  DG  9  19 19 DG  G  B . n 
B 1 10 DC  10 20 20 DC  C  B . n 
# 
loop_
_pdbx_nonpoly_scheme.asym_id 
_pdbx_nonpoly_scheme.entity_id 
_pdbx_nonpoly_scheme.mon_id 
_pdbx_nonpoly_scheme.ndb_seq_num 
_pdbx_nonpoly_scheme.pdb_seq_num 
_pdbx_nonpoly_scheme.auth_seq_num 
_pdbx_nonpoly_scheme.pdb_mon_id 
_pdbx_nonpoly_scheme.auth_mon_id 
_pdbx_nonpoly_scheme.pdb_strand_id 
_pdbx_nonpoly_scheme.pdb_ins_code 
C 2 SPM 1  21  21  SPM SPM B . 
D 3 HOH 1  101 101 HOH HOH A . 
D 3 HOH 2  102 102 HOH HOH A . 
D 3 HOH 3  103 103 HOH HOH A . 
D 3 HOH 4  104 104 HOH HOH A . 
D 3 HOH 5  106 106 HOH HOH A . 
D 3 HOH 6  108 108 HOH HOH A . 
D 3 HOH 7  109 109 HOH HOH A . 
D 3 HOH 8  111 111 HOH HOH A . 
D 3 HOH 9  113 113 HOH HOH A . 
D 3 HOH 10 117 117 HOH HOH A . 
D 3 HOH 11 118 118 HOH HOH A . 
D 3 HOH 12 120 120 HOH HOH A . 
D 3 HOH 13 123 123 HOH HOH A . 
D 3 HOH 14 125 125 HOH HOH A . 
D 3 HOH 15 126 126 HOH HOH A . 
D 3 HOH 16 130 130 HOH HOH A . 
D 3 HOH 17 131 131 HOH HOH A . 
D 3 HOH 18 132 132 HOH HOH A . 
D 3 HOH 19 135 135 HOH HOH A . 
D 3 HOH 20 136 136 HOH HOH A . 
D 3 HOH 21 137 137 HOH HOH A . 
D 3 HOH 22 138 138 HOH HOH A . 
D 3 HOH 23 141 141 HOH HOH A . 
D 3 HOH 24 142 142 HOH HOH A . 
D 3 HOH 25 143 143 HOH HOH A . 
D 3 HOH 26 145 145 HOH HOH A . 
D 3 HOH 27 147 147 HOH HOH A . 
D 3 HOH 28 149 149 HOH HOH A . 
D 3 HOH 29 152 152 HOH HOH A . 
D 3 HOH 30 153 153 HOH HOH A . 
D 3 HOH 31 155 155 HOH HOH A . 
D 3 HOH 32 156 156 HOH HOH A . 
D 3 HOH 33 157 157 HOH HOH A . 
D 3 HOH 34 158 158 HOH HOH A . 
D 3 HOH 35 160 160 HOH HOH A . 
D 3 HOH 36 161 161 HOH HOH A . 
D 3 HOH 37 162 162 HOH HOH A . 
D 3 HOH 38 163 163 HOH HOH A . 
D 3 HOH 39 165 165 HOH HOH A . 
D 3 HOH 40 169 169 HOH HOH A . 
D 3 HOH 41 173 173 HOH HOH A . 
D 3 HOH 42 178 178 HOH HOH A . 
D 3 HOH 43 179 179 HOH HOH A . 
D 3 HOH 44 182 182 HOH HOH A . 
D 3 HOH 45 184 184 HOH HOH A . 
D 3 HOH 46 186 186 HOH HOH A . 
D 3 HOH 47 188 188 HOH HOH A . 
D 3 HOH 48 190 190 HOH HOH A . 
D 3 HOH 49 192 192 HOH HOH A . 
D 3 HOH 50 193 193 HOH HOH A . 
D 3 HOH 51 197 197 HOH HOH A . 
D 3 HOH 52 201 201 HOH HOH A . 
D 3 HOH 53 204 204 HOH HOH A . 
D 3 HOH 54 205 205 HOH HOH A . 
D 3 HOH 55 206 206 HOH HOH A . 
D 3 HOH 56 207 207 HOH HOH A . 
D 3 HOH 57 209 209 HOH HOH A . 
D 3 HOH 58 210 210 HOH HOH A . 
D 3 HOH 59 212 212 HOH HOH A . 
D 3 HOH 60 214 214 HOH HOH A . 
D 3 HOH 61 215 215 HOH HOH A . 
D 3 HOH 62 216 216 HOH HOH A . 
D 3 HOH 63 218 218 HOH HOH A . 
D 3 HOH 64 220 220 HOH HOH A . 
D 3 HOH 65 221 221 HOH HOH A . 
D 3 HOH 66 222 222 HOH HOH A . 
D 3 HOH 67 224 224 HOH HOH A . 
D 3 HOH 68 226 226 HOH HOH A . 
D 3 HOH 69 229 229 HOH HOH A . 
D 3 HOH 70 232 232 HOH HOH A . 
D 3 HOH 71 235 235 HOH HOH A . 
D 3 HOH 72 236 236 HOH HOH A . 
E 3 HOH 1  105 105 HOH HOH B . 
E 3 HOH 2  107 107 HOH HOH B . 
E 3 HOH 3  110 110 HOH HOH B . 
E 3 HOH 4  112 112 HOH HOH B . 
E 3 HOH 5  114 114 HOH HOH B . 
E 3 HOH 6  115 115 HOH HOH B . 
E 3 HOH 7  116 116 HOH HOH B . 
E 3 HOH 8  119 119 HOH HOH B . 
E 3 HOH 9  121 121 HOH HOH B . 
E 3 HOH 10 122 122 HOH HOH B . 
E 3 HOH 11 124 124 HOH HOH B . 
E 3 HOH 12 127 127 HOH HOH B . 
E 3 HOH 13 128 128 HOH HOH B . 
E 3 HOH 14 129 129 HOH HOH B . 
E 3 HOH 15 133 133 HOH HOH B . 
E 3 HOH 16 134 134 HOH HOH B . 
E 3 HOH 17 139 139 HOH HOH B . 
E 3 HOH 18 140 140 HOH HOH B . 
E 3 HOH 19 144 144 HOH HOH B . 
E 3 HOH 20 146 146 HOH HOH B . 
E 3 HOH 21 148 148 HOH HOH B . 
E 3 HOH 22 150 150 HOH HOH B . 
E 3 HOH 23 151 151 HOH HOH B . 
E 3 HOH 24 154 154 HOH HOH B . 
E 3 HOH 25 159 159 HOH HOH B . 
E 3 HOH 26 164 164 HOH HOH B . 
E 3 HOH 27 166 166 HOH HOH B . 
E 3 HOH 28 167 167 HOH HOH B . 
E 3 HOH 29 168 168 HOH HOH B . 
E 3 HOH 30 170 170 HOH HOH B . 
E 3 HOH 31 171 171 HOH HOH B . 
E 3 HOH 32 172 172 HOH HOH B . 
E 3 HOH 33 174 174 HOH HOH B . 
E 3 HOH 34 175 175 HOH HOH B . 
E 3 HOH 35 176 176 HOH HOH B . 
E 3 HOH 36 177 177 HOH HOH B . 
E 3 HOH 37 180 180 HOH HOH B . 
E 3 HOH 38 181 181 HOH HOH B . 
E 3 HOH 39 183 183 HOH HOH B . 
E 3 HOH 40 185 185 HOH HOH B . 
E 3 HOH 41 187 187 HOH HOH B . 
E 3 HOH 42 189 189 HOH HOH B . 
E 3 HOH 43 191 191 HOH HOH B . 
E 3 HOH 44 194 194 HOH HOH B . 
E 3 HOH 45 195 195 HOH HOH B . 
E 3 HOH 46 196 196 HOH HOH B . 
E 3 HOH 47 198 198 HOH HOH B . 
E 3 HOH 48 199 199 HOH HOH B . 
E 3 HOH 49 200 200 HOH HOH B . 
E 3 HOH 50 202 202 HOH HOH B . 
E 3 HOH 51 203 203 HOH HOH B . 
E 3 HOH 52 208 208 HOH HOH B . 
E 3 HOH 53 211 211 HOH HOH B . 
E 3 HOH 54 213 213 HOH HOH B . 
E 3 HOH 55 217 217 HOH HOH B . 
E 3 HOH 56 219 219 HOH HOH B . 
E 3 HOH 57 223 223 HOH HOH B . 
E 3 HOH 58 225 225 HOH HOH B . 
E 3 HOH 59 227 227 HOH HOH B . 
E 3 HOH 60 228 228 HOH HOH B . 
E 3 HOH 61 230 230 HOH HOH B . 
E 3 HOH 62 231 231 HOH HOH B . 
E 3 HOH 63 233 233 HOH HOH B . 
E 3 HOH 64 234 234 HOH HOH B . 
E 3 HOH 65 237 237 HOH HOH B . 
E 3 HOH 66 238 238 HOH HOH B . 
E 3 HOH 67 239 239 HOH HOH B . 
E 3 HOH 68 240 240 HOH HOH B . 
# 
loop_
_software.name 
_software.classification 
_software.version 
_software.citation_id 
_software.pdbx_ordinal 
X-PLOR    refinement       3.851 ? 1 
DENZO     'data reduction' .     ? 2 
SCALEPACK 'data scaling'   .     ? 3 
# 
_cell.entry_id           410D 
_cell.length_a           24.620 
_cell.length_b           44.080 
_cell.length_c           46.180 
_cell.angle_alpha        90.00 
_cell.angle_beta         90.00 
_cell.angle_gamma        90.00 
_cell.Z_PDB              8 
_cell.pdbx_unique_axis   ? 
# 
_symmetry.entry_id                         410D 
_symmetry.space_group_name_H-M             'P 21 21 21' 
_symmetry.pdbx_full_space_group_name_H-M   ? 
_symmetry.cell_setting                     orthorhombic 
_symmetry.Int_Tables_number                19 
# 
_exptl.entry_id          410D 
_exptl.method            'X-RAY DIFFRACTION' 
_exptl.crystals_number   1 
# 
_exptl_crystal.id                    1 
_exptl_crystal.density_meas          ? 
_exptl_crystal.density_Matthews      2.01 
_exptl_crystal.density_percent_sol   38.76 
_exptl_crystal.description           ? 
# 
_exptl_crystal_grow.crystal_id      1 
_exptl_crystal_grow.method          'VAPOR DIFFUSION, HANGING DROP' 
_exptl_crystal_grow.temp            ? 
_exptl_crystal_grow.temp_details    ? 
_exptl_crystal_grow.pH              6.00 
_exptl_crystal_grow.pdbx_details    'pH 6.00, VAPOR DIFFUSION, HANGING DROP' 
_exptl_crystal_grow.pdbx_pH_range   ? 
# 
loop_
_exptl_crystal_grow_comp.crystal_id 
_exptl_crystal_grow_comp.id 
_exptl_crystal_grow_comp.sol_id 
_exptl_crystal_grow_comp.name 
_exptl_crystal_grow_comp.volume 
_exptl_crystal_grow_comp.conc 
_exptl_crystal_grow_comp.details 
1 1 1 'SODIUM CACODYLATE' ? ? ? 
1 2 1 NACL                ? ? ? 
1 3 1 BACL2               ? ? ? 
1 4 1 SPERMINE            ? ? ? 
1 5 1 MPD                 ? ? ? 
1 6 2 MPD                 ? ? ? 
# 
loop_
_diffrn.id 
_diffrn.ambient_temp 
_diffrn.ambient_temp_details 
_diffrn.crystal_id 
1 100.00 ? 1 
2 ?      ? 1 
3 ?      ? 1 
4 ?      ? 1 
# 
loop_
_diffrn_detector.diffrn_id 
_diffrn_detector.detector 
_diffrn_detector.type 
_diffrn_detector.pdbx_collection_date 
_diffrn_detector.details 
1 'IMAGE PLATE' 'RIGAKU RAXIS II' 1997-07-14 ? 
2 ?             ?                 ?          ? 
3 ?             ?                 ?          ? 
4 ?             ?                 ?          ? 
# 
loop_
_diffrn_radiation.diffrn_id 
_diffrn_radiation.wavelength_id 
_diffrn_radiation.pdbx_monochromatic_or_laue_m_l 
_diffrn_radiation.monochromator 
_diffrn_radiation.pdbx_diffrn_protocol 
_diffrn_radiation.pdbx_scattering_type 
1 1 M ? ? x-ray 
2 2 M ? ? x-ray 
3 3 M ? ? x-ray 
4 4 M ? ? x-ray 
# 
loop_
_diffrn_radiation_wavelength.id 
_diffrn_radiation_wavelength.wavelength 
_diffrn_radiation_wavelength.wt 
1 . 1.0 
2 . 1.0 
3 . 1.0 
4 . 1.0 
# 
loop_
_diffrn_source.diffrn_id 
_diffrn_source.source 
_diffrn_source.type 
_diffrn_source.pdbx_synchrotron_site 
_diffrn_source.pdbx_synchrotron_beamline 
_diffrn_source.pdbx_wavelength 
_diffrn_source.pdbx_wavelength_list 
1 'ROTATING ANODE' 'RIGAKU RU200' ? ? ? ? 
2 ?                ?              ? ? ? ? 
3 ?                ?              ? ? ? ? 
4 ?                ?              ? ? ? ? 
# 
_reflns.entry_id                     410D 
_reflns.observed_criterion_sigma_I   0.000 
_reflns.observed_criterion_sigma_F   0.000 
_reflns.d_resolution_low             32.000 
_reflns.d_resolution_high            1.600 
_reflns.number_obs                   6524 
_reflns.number_all                   6524 
_reflns.percent_possible_obs         92.700 
_reflns.pdbx_Rmerge_I_obs            0.089 
_reflns.pdbx_Rsym_value              ? 
_reflns.pdbx_netI_over_sigmaI        ? 
_reflns.B_iso_Wilson_estimate        ? 
_reflns.pdbx_redundancy              12.70 
_reflns.pdbx_diffrn_id               1,2,3,4 
_reflns.pdbx_ordinal                 1 
# 
_refine.entry_id                                 410D 
_refine.ls_number_reflns_obs                     6414 
_refine.ls_number_reflns_all                     6431 
_refine.pdbx_ls_sigma_I                          ? 
_refine.pdbx_ls_sigma_F                          2.000 
_refine.pdbx_data_cutoff_high_absF               ? 
_refine.pdbx_data_cutoff_low_absF                ? 
_refine.pdbx_data_cutoff_high_rms_absF           ? 
_refine.ls_d_res_low                             8.000 
_refine.ls_d_res_high                            1.600 
_refine.ls_percent_reflns_obs                    92.000 
_refine.ls_R_factor_obs                          0.159 
_refine.ls_R_factor_all                          0.162 
_refine.ls_R_factor_R_work                       0.159 
_refine.ls_R_factor_R_free                       0.184 
_refine.ls_R_factor_R_free_error                 ? 
_refine.ls_R_factor_R_free_error_details         ? 
_refine.ls_percent_reflns_R_free                 10.000 
_refine.ls_number_reflns_R_free                  641 
_refine.ls_number_parameters                     ? 
_refine.ls_number_restraints                     ? 
_refine.occupancy_min                            ? 
_refine.occupancy_max                            ? 
_refine.B_iso_mean                               ? 
_refine.aniso_B[1][1]                            ? 
_refine.aniso_B[2][2]                            ? 
_refine.aniso_B[3][3]                            ? 
_refine.aniso_B[1][2]                            ? 
_refine.aniso_B[1][3]                            ? 
_refine.aniso_B[2][3]                            ? 
_refine.solvent_model_details                    ? 
_refine.solvent_model_param_ksol                 ? 
_refine.solvent_model_param_bsol                 ? 
_refine.pdbx_ls_cross_valid_method               R-FREE 
_refine.details                                  ? 
_refine.pdbx_starting_model                      ? 
_refine.pdbx_method_to_determine_struct          ? 
_refine.pdbx_isotropic_thermal_model             ? 
_refine.pdbx_stereochemistry_target_values       ? 
_refine.pdbx_stereochem_target_val_spec_case     ? 
_refine.pdbx_R_Free_selection_details            RANDOM 
_refine.pdbx_overall_ESU_R                       ? 
_refine.pdbx_overall_ESU_R_Free                  ? 
_refine.overall_SU_ML                            ? 
_refine.overall_SU_B                             ? 
_refine.pdbx_refine_id                           'X-RAY DIFFRACTION' 
_refine.pdbx_diffrn_id                           1 
_refine.pdbx_TLS_residual_ADP_flag               ? 
_refine.correlation_coeff_Fo_to_Fc               ? 
_refine.correlation_coeff_Fo_to_Fc_free          ? 
_refine.pdbx_solvent_vdw_probe_radii             ? 
_refine.pdbx_solvent_ion_probe_radii             ? 
_refine.pdbx_solvent_shrinkage_radii             ? 
_refine.pdbx_overall_phase_error                 ? 
_refine.overall_SU_R_Cruickshank_DPI             ? 
_refine.pdbx_overall_SU_R_free_Cruickshank_DPI   ? 
_refine.pdbx_overall_SU_R_Blow_DPI               ? 
_refine.pdbx_overall_SU_R_free_Blow_DPI          ? 
# 
_refine_hist.pdbx_refine_id                   'X-RAY DIFFRACTION' 
_refine_hist.cycle_id                         LAST 
_refine_hist.pdbx_number_atoms_protein        0 
_refine_hist.pdbx_number_atoms_nucleic_acid   404 
_refine_hist.pdbx_number_atoms_ligand         24 
_refine_hist.number_atoms_solvent             140 
_refine_hist.number_atoms_total               568 
_refine_hist.d_res_high                       1.600 
_refine_hist.d_res_low                        8.000 
# 
loop_
_refine_ls_restr.type 
_refine_ls_restr.dev_ideal 
_refine_ls_restr.dev_ideal_target 
_refine_ls_restr.weight 
_refine_ls_restr.number 
_refine_ls_restr.pdbx_refine_id 
_refine_ls_restr.pdbx_restraint_function 
x_bond_d                0.007 ? ? ? 'X-RAY DIFFRACTION' ? 
x_bond_d_na             ?     ? ? ? 'X-RAY DIFFRACTION' ? 
x_bond_d_prot           ?     ? ? ? 'X-RAY DIFFRACTION' ? 
x_angle_d               ?     ? ? ? 'X-RAY DIFFRACTION' ? 
x_angle_d_na            ?     ? ? ? 'X-RAY DIFFRACTION' ? 
x_angle_d_prot          ?     ? ? ? 'X-RAY DIFFRACTION' ? 
x_angle_deg             1.21  ? ? ? 'X-RAY DIFFRACTION' ? 
x_angle_deg_na          ?     ? ? ? 'X-RAY DIFFRACTION' ? 
x_angle_deg_prot        ?     ? ? ? 'X-RAY DIFFRACTION' ? 
x_dihedral_angle_d      ?     ? ? ? 'X-RAY DIFFRACTION' ? 
x_dihedral_angle_d_na   ?     ? ? ? 'X-RAY DIFFRACTION' ? 
x_dihedral_angle_d_prot ?     ? ? ? 'X-RAY DIFFRACTION' ? 
x_improper_angle_d      ?     ? ? ? 'X-RAY DIFFRACTION' ? 
x_improper_angle_d_na   ?     ? ? ? 'X-RAY DIFFRACTION' ? 
x_improper_angle_d_prot ?     ? ? ? 'X-RAY DIFFRACTION' ? 
x_mcbond_it             ?     ? ? ? 'X-RAY DIFFRACTION' ? 
x_mcangle_it            ?     ? ? ? 'X-RAY DIFFRACTION' ? 
x_scbond_it             ?     ? ? ? 'X-RAY DIFFRACTION' ? 
x_scangle_it            ?     ? ? ? 'X-RAY DIFFRACTION' ? 
# 
_struct.entry_id                  410D 
_struct.title                     
;DUPLEX [5'-D(GCGTA+TACGC)]2 WITH INCORPORATED 2'-O-ETHOXYMETHYLENE RIBONUCLEOSIDE
;
_struct.pdbx_model_details        ? 
_struct.pdbx_CASP_flag            ? 
_struct.pdbx_model_type_details   ? 
# 
_struct_keywords.entry_id        410D 
_struct_keywords.pdbx_keywords   DNA 
_struct_keywords.text            
;DUPLEX [5'-D(GCGTA+TACGC)]2 WITH INCORPORATED 2'-O-ETHOXYMETHYLENE RIBONUCLEOSIDE, DNA
;
# 
loop_
_struct_asym.id 
_struct_asym.pdbx_blank_PDB_chainid_flag 
_struct_asym.pdbx_modified 
_struct_asym.entity_id 
_struct_asym.details 
A N N 1 ? 
B N N 1 ? 
C N N 2 ? 
D N N 3 ? 
E N N 3 ? 
# 
_struct_ref.id                         1 
_struct_ref.entity_id                  1 
_struct_ref.db_name                    PDB 
_struct_ref.db_code                    410D 
_struct_ref.pdbx_db_accession          410D 
_struct_ref.pdbx_db_isoform            ? 
_struct_ref.pdbx_seq_one_letter_code   ? 
_struct_ref.pdbx_align_begin           ? 
# 
loop_
_struct_ref_seq.align_id 
_struct_ref_seq.ref_id 
_struct_ref_seq.pdbx_PDB_id_code 
_struct_ref_seq.pdbx_strand_id 
_struct_ref_seq.seq_align_beg 
_struct_ref_seq.pdbx_seq_align_beg_ins_code 
_struct_ref_seq.seq_align_end 
_struct_ref_seq.pdbx_seq_align_end_ins_code 
_struct_ref_seq.pdbx_db_accession 
_struct_ref_seq.db_align_beg 
_struct_ref_seq.pdbx_db_align_beg_ins_code 
_struct_ref_seq.db_align_end 
_struct_ref_seq.pdbx_db_align_end_ins_code 
_struct_ref_seq.pdbx_auth_seq_align_beg 
_struct_ref_seq.pdbx_auth_seq_align_end 
1 1 410D A 1 ? 10 ? 410D 1  ? 10 ? 1  10 
2 1 410D B 1 ? 10 ? 410D 11 ? 20 ? 11 20 
# 
_pdbx_struct_assembly.id                   1 
_pdbx_struct_assembly.details              author_defined_assembly 
_pdbx_struct_assembly.method_details       ? 
_pdbx_struct_assembly.oligomeric_details   dimeric 
_pdbx_struct_assembly.oligomeric_count     2 
# 
_pdbx_struct_assembly_gen.assembly_id       1 
_pdbx_struct_assembly_gen.oper_expression   1 
_pdbx_struct_assembly_gen.asym_id_list      A,B,C,D,E 
# 
_pdbx_struct_oper_list.id                   1 
_pdbx_struct_oper_list.type                 'identity operation' 
_pdbx_struct_oper_list.name                 1_555 
_pdbx_struct_oper_list.symmetry_operation   x,y,z 
_pdbx_struct_oper_list.matrix[1][1]         1.0000000000 
_pdbx_struct_oper_list.matrix[1][2]         0.0000000000 
_pdbx_struct_oper_list.matrix[1][3]         0.0000000000 
_pdbx_struct_oper_list.vector[1]            0.0000000000 
_pdbx_struct_oper_list.matrix[2][1]         0.0000000000 
_pdbx_struct_oper_list.matrix[2][2]         1.0000000000 
_pdbx_struct_oper_list.matrix[2][3]         0.0000000000 
_pdbx_struct_oper_list.vector[2]            0.0000000000 
_pdbx_struct_oper_list.matrix[3][1]         0.0000000000 
_pdbx_struct_oper_list.matrix[3][2]         0.0000000000 
_pdbx_struct_oper_list.matrix[3][3]         1.0000000000 
_pdbx_struct_oper_list.vector[3]            0.0000000000 
# 
_struct_biol.id   1 
# 
loop_
_struct_conn.id 
_struct_conn.conn_type_id 
_struct_conn.pdbx_leaving_atom_flag 
_struct_conn.pdbx_PDB_id 
_struct_conn.ptnr1_label_asym_id 
_struct_conn.ptnr1_label_comp_id 
_struct_conn.ptnr1_label_seq_id 
_struct_conn.ptnr1_label_atom_id 
_struct_conn.pdbx_ptnr1_label_alt_id 
_struct_conn.pdbx_ptnr1_PDB_ins_code 
_struct_conn.pdbx_ptnr1_standard_comp_id 
_struct_conn.ptnr1_symmetry 
_struct_conn.ptnr2_label_asym_id 
_struct_conn.ptnr2_label_comp_id 
_struct_conn.ptnr2_label_seq_id 
_struct_conn.ptnr2_label_atom_id 
_struct_conn.pdbx_ptnr2_label_alt_id 
_struct_conn.pdbx_ptnr2_PDB_ins_code 
_struct_conn.ptnr1_auth_asym_id 
_struct_conn.ptnr1_auth_comp_id 
_struct_conn.ptnr1_auth_seq_id 
_struct_conn.ptnr2_auth_asym_id 
_struct_conn.ptnr2_auth_comp_id 
_struct_conn.ptnr2_auth_seq_id 
_struct_conn.ptnr2_symmetry 
_struct_conn.pdbx_ptnr3_label_atom_id 
_struct_conn.pdbx_ptnr3_label_seq_id 
_struct_conn.pdbx_ptnr3_label_comp_id 
_struct_conn.pdbx_ptnr3_label_asym_id 
_struct_conn.pdbx_ptnr3_label_alt_id 
_struct_conn.pdbx_ptnr3_PDB_ins_code 
_struct_conn.details 
_struct_conn.pdbx_dist_value 
_struct_conn.pdbx_value_order 
_struct_conn.pdbx_role 
covale1  covale both ? A DA  5  "O3'" ? ? ? 1_555 A T38 6  P  ? ? A DA  5  A T38 6  1_555 ? ? ? ? ? ? ?            1.594 ? ? 
covale2  covale one  ? A T38 6  "O3'" ? ? ? 1_555 A DA  7  P  ? ? A T38 6  A DA  7  1_555 ? ? ? ? ? ? ?            1.595 ? ? 
covale3  covale both ? B DA  5  "O3'" ? ? ? 1_555 B T38 6  P  ? ? B DA  15 B T38 16 1_555 ? ? ? ? ? ? ?            1.606 ? ? 
covale4  covale one  ? B T38 6  "O3'" ? ? ? 1_555 B DA  7  P  ? ? B T38 16 B DA  17 1_555 ? ? ? ? ? ? ?            1.615 ? ? 
hydrog1  hydrog ?    ? A DG  1  N1    ? ? ? 1_555 B DC  10 N3 ? ? A DG  1  B DC  20 1_555 ? ? ? ? ? ? WATSON-CRICK ?     ? ? 
hydrog2  hydrog ?    ? A DG  1  N2    ? ? ? 1_555 B DC  10 O2 ? ? A DG  1  B DC  20 1_555 ? ? ? ? ? ? WATSON-CRICK ?     ? ? 
hydrog3  hydrog ?    ? A DG  1  O6    ? ? ? 1_555 B DC  10 N4 ? ? A DG  1  B DC  20 1_555 ? ? ? ? ? ? WATSON-CRICK ?     ? ? 
hydrog4  hydrog ?    ? A DC  2  N3    ? ? ? 1_555 B DG  9  N1 ? ? A DC  2  B DG  19 1_555 ? ? ? ? ? ? WATSON-CRICK ?     ? ? 
hydrog5  hydrog ?    ? A DC  2  N4    ? ? ? 1_555 B DG  9  O6 ? ? A DC  2  B DG  19 1_555 ? ? ? ? ? ? WATSON-CRICK ?     ? ? 
hydrog6  hydrog ?    ? A DC  2  O2    ? ? ? 1_555 B DG  9  N2 ? ? A DC  2  B DG  19 1_555 ? ? ? ? ? ? WATSON-CRICK ?     ? ? 
hydrog7  hydrog ?    ? A DG  3  N1    ? ? ? 1_555 B DC  8  N3 ? ? A DG  3  B DC  18 1_555 ? ? ? ? ? ? WATSON-CRICK ?     ? ? 
hydrog8  hydrog ?    ? A DG  3  N2    ? ? ? 1_555 B DC  8  O2 ? ? A DG  3  B DC  18 1_555 ? ? ? ? ? ? WATSON-CRICK ?     ? ? 
hydrog9  hydrog ?    ? A DG  3  O6    ? ? ? 1_555 B DC  8  N4 ? ? A DG  3  B DC  18 1_555 ? ? ? ? ? ? WATSON-CRICK ?     ? ? 
hydrog10 hydrog ?    ? A DT  4  N3    ? ? ? 1_555 B DA  7  N1 ? ? A DT  4  B DA  17 1_555 ? ? ? ? ? ? WATSON-CRICK ?     ? ? 
hydrog11 hydrog ?    ? A DT  4  O4    ? ? ? 1_555 B DA  7  N6 ? ? A DT  4  B DA  17 1_555 ? ? ? ? ? ? WATSON-CRICK ?     ? ? 
hydrog12 hydrog ?    ? A DA  5  N1    ? ? ? 1_555 B T38 6  N3 ? ? A DA  5  B T38 16 1_555 ? ? ? ? ? ? WATSON-CRICK ?     ? ? 
hydrog13 hydrog ?    ? A DA  5  N6    ? ? ? 1_555 B T38 6  O4 ? ? A DA  5  B T38 16 1_555 ? ? ? ? ? ? WATSON-CRICK ?     ? ? 
hydrog14 hydrog ?    ? A T38 6  N3    ? ? ? 1_555 B DA  5  N1 ? ? A T38 6  B DA  15 1_555 ? ? ? ? ? ? WATSON-CRICK ?     ? ? 
hydrog15 hydrog ?    ? A T38 6  O4    ? ? ? 1_555 B DA  5  N6 ? ? A T38 6  B DA  15 1_555 ? ? ? ? ? ? WATSON-CRICK ?     ? ? 
hydrog16 hydrog ?    ? A DA  7  N1    ? ? ? 1_555 B DT  4  N3 ? ? A DA  7  B DT  14 1_555 ? ? ? ? ? ? WATSON-CRICK ?     ? ? 
hydrog17 hydrog ?    ? A DA  7  N6    ? ? ? 1_555 B DT  4  O4 ? ? A DA  7  B DT  14 1_555 ? ? ? ? ? ? WATSON-CRICK ?     ? ? 
hydrog18 hydrog ?    ? A DC  8  N3    ? ? ? 1_555 B DG  3  N1 ? ? A DC  8  B DG  13 1_555 ? ? ? ? ? ? WATSON-CRICK ?     ? ? 
hydrog19 hydrog ?    ? A DC  8  N4    ? ? ? 1_555 B DG  3  O6 ? ? A DC  8  B DG  13 1_555 ? ? ? ? ? ? WATSON-CRICK ?     ? ? 
hydrog20 hydrog ?    ? A DC  8  O2    ? ? ? 1_555 B DG  3  N2 ? ? A DC  8  B DG  13 1_555 ? ? ? ? ? ? WATSON-CRICK ?     ? ? 
hydrog21 hydrog ?    ? A DG  9  N1    ? ? ? 1_555 B DC  2  N3 ? ? A DG  9  B DC  12 1_555 ? ? ? ? ? ? WATSON-CRICK ?     ? ? 
hydrog22 hydrog ?    ? A DG  9  N2    ? ? ? 1_555 B DC  2  O2 ? ? A DG  9  B DC  12 1_555 ? ? ? ? ? ? WATSON-CRICK ?     ? ? 
hydrog23 hydrog ?    ? A DG  9  O6    ? ? ? 1_555 B DC  2  N4 ? ? A DG  9  B DC  12 1_555 ? ? ? ? ? ? WATSON-CRICK ?     ? ? 
hydrog24 hydrog ?    ? A DC  10 N3    ? ? ? 1_555 B DG  1  N1 ? ? A DC  10 B DG  11 1_555 ? ? ? ? ? ? WATSON-CRICK ?     ? ? 
hydrog25 hydrog ?    ? A DC  10 N4    ? ? ? 1_555 B DG  1  O6 ? ? A DC  10 B DG  11 1_555 ? ? ? ? ? ? WATSON-CRICK ?     ? ? 
hydrog26 hydrog ?    ? A DC  10 O2    ? ? ? 1_555 B DG  1  N2 ? ? A DC  10 B DG  11 1_555 ? ? ? ? ? ? WATSON-CRICK ?     ? ? 
# 
loop_
_struct_conn_type.id 
_struct_conn_type.criteria 
_struct_conn_type.reference 
covale ? ? 
hydrog ? ? 
# 
_struct_site.id                   AC1 
_struct_site.pdbx_evidence_code   Software 
_struct_site.pdbx_auth_asym_id    B 
_struct_site.pdbx_auth_comp_id    SPM 
_struct_site.pdbx_auth_seq_id     21 
_struct_site.pdbx_auth_ins_code   ? 
_struct_site.pdbx_num_residues    11 
_struct_site.details              'BINDING SITE FOR RESIDUE SPM B 21' 
# 
loop_
_struct_site_gen.id 
_struct_site_gen.site_id 
_struct_site_gen.pdbx_num_res 
_struct_site_gen.label_comp_id 
_struct_site_gen.label_asym_id 
_struct_site_gen.label_seq_id 
_struct_site_gen.pdbx_auth_ins_code 
_struct_site_gen.auth_comp_id 
_struct_site_gen.auth_asym_id 
_struct_site_gen.auth_seq_id 
_struct_site_gen.label_atom_id 
_struct_site_gen.label_alt_id 
_struct_site_gen.symmetry 
_struct_site_gen.details 
1  AC1 11 DC  A 2 ? DC  A 2   . ? 1_555 ? 
2  AC1 11 DG  A 9 ? DG  A 9   . ? 4_456 ? 
3  AC1 11 HOH D . ? HOH A 117 . ? 4_456 ? 
4  AC1 11 HOH D . ? HOH A 120 . ? 2_555 ? 
5  AC1 11 HOH D . ? HOH A 126 . ? 2_555 ? 
6  AC1 11 DG  B 3 ? DG  B 13  . ? 1_555 ? 
7  AC1 11 DT  B 4 ? DT  B 14  . ? 1_555 ? 
8  AC1 11 DC  B 8 ? DC  B 18  . ? 2_455 ? 
9  AC1 11 HOH E . ? HOH B 200 . ? 1_555 ? 
10 AC1 11 HOH E . ? HOH B 211 . ? 1_555 ? 
11 AC1 11 HOH E . ? HOH B 219 . ? 1_555 ? 
# 
loop_
_pdbx_struct_mod_residue.id 
_pdbx_struct_mod_residue.label_asym_id 
_pdbx_struct_mod_residue.label_comp_id 
_pdbx_struct_mod_residue.label_seq_id 
_pdbx_struct_mod_residue.auth_asym_id 
_pdbx_struct_mod_residue.auth_comp_id 
_pdbx_struct_mod_residue.auth_seq_id 
_pdbx_struct_mod_residue.PDB_ins_code 
_pdbx_struct_mod_residue.parent_comp_id 
_pdbx_struct_mod_residue.details 
1 A T38 6 A T38 6  ? T ? 
2 B T38 6 B T38 16 ? T ? 
# 
loop_
_pdbx_unobs_or_zero_occ_residues.id 
_pdbx_unobs_or_zero_occ_residues.PDB_model_num 
_pdbx_unobs_or_zero_occ_residues.polymer_flag 
_pdbx_unobs_or_zero_occ_residues.occupancy_flag 
_pdbx_unobs_or_zero_occ_residues.auth_asym_id 
_pdbx_unobs_or_zero_occ_residues.auth_comp_id 
_pdbx_unobs_or_zero_occ_residues.auth_seq_id 
_pdbx_unobs_or_zero_occ_residues.PDB_ins_code 
_pdbx_unobs_or_zero_occ_residues.label_asym_id 
_pdbx_unobs_or_zero_occ_residues.label_comp_id 
_pdbx_unobs_or_zero_occ_residues.label_seq_id 
1 1 N 0 B HOH 238 ? E HOH ? 
2 1 N 0 B HOH 240 ? E HOH ? 
# 
loop_
_chem_comp_atom.comp_id 
_chem_comp_atom.atom_id 
_chem_comp_atom.type_symbol 
_chem_comp_atom.pdbx_aromatic_flag 
_chem_comp_atom.pdbx_stereo_config 
_chem_comp_atom.pdbx_ordinal 
DA  OP3    O N N 1   
DA  P      P N N 2   
DA  OP1    O N N 3   
DA  OP2    O N N 4   
DA  "O5'"  O N N 5   
DA  "C5'"  C N N 6   
DA  "C4'"  C N R 7   
DA  "O4'"  O N N 8   
DA  "C3'"  C N S 9   
DA  "O3'"  O N N 10  
DA  "C2'"  C N N 11  
DA  "C1'"  C N R 12  
DA  N9     N Y N 13  
DA  C8     C Y N 14  
DA  N7     N Y N 15  
DA  C5     C Y N 16  
DA  C6     C Y N 17  
DA  N6     N N N 18  
DA  N1     N Y N 19  
DA  C2     C Y N 20  
DA  N3     N Y N 21  
DA  C4     C Y N 22  
DA  HOP3   H N N 23  
DA  HOP2   H N N 24  
DA  "H5'"  H N N 25  
DA  "H5''" H N N 26  
DA  "H4'"  H N N 27  
DA  "H3'"  H N N 28  
DA  "HO3'" H N N 29  
DA  "H2'"  H N N 30  
DA  "H2''" H N N 31  
DA  "H1'"  H N N 32  
DA  H8     H N N 33  
DA  H61    H N N 34  
DA  H62    H N N 35  
DA  H2     H N N 36  
DC  OP3    O N N 37  
DC  P      P N N 38  
DC  OP1    O N N 39  
DC  OP2    O N N 40  
DC  "O5'"  O N N 41  
DC  "C5'"  C N N 42  
DC  "C4'"  C N R 43  
DC  "O4'"  O N N 44  
DC  "C3'"  C N S 45  
DC  "O3'"  O N N 46  
DC  "C2'"  C N N 47  
DC  "C1'"  C N R 48  
DC  N1     N N N 49  
DC  C2     C N N 50  
DC  O2     O N N 51  
DC  N3     N N N 52  
DC  C4     C N N 53  
DC  N4     N N N 54  
DC  C5     C N N 55  
DC  C6     C N N 56  
DC  HOP3   H N N 57  
DC  HOP2   H N N 58  
DC  "H5'"  H N N 59  
DC  "H5''" H N N 60  
DC  "H4'"  H N N 61  
DC  "H3'"  H N N 62  
DC  "HO3'" H N N 63  
DC  "H2'"  H N N 64  
DC  "H2''" H N N 65  
DC  "H1'"  H N N 66  
DC  H41    H N N 67  
DC  H42    H N N 68  
DC  H5     H N N 69  
DC  H6     H N N 70  
DG  OP3    O N N 71  
DG  P      P N N 72  
DG  OP1    O N N 73  
DG  OP2    O N N 74  
DG  "O5'"  O N N 75  
DG  "C5'"  C N N 76  
DG  "C4'"  C N R 77  
DG  "O4'"  O N N 78  
DG  "C3'"  C N S 79  
DG  "O3'"  O N N 80  
DG  "C2'"  C N N 81  
DG  "C1'"  C N R 82  
DG  N9     N Y N 83  
DG  C8     C Y N 84  
DG  N7     N Y N 85  
DG  C5     C Y N 86  
DG  C6     C N N 87  
DG  O6     O N N 88  
DG  N1     N N N 89  
DG  C2     C N N 90  
DG  N2     N N N 91  
DG  N3     N N N 92  
DG  C4     C Y N 93  
DG  HOP3   H N N 94  
DG  HOP2   H N N 95  
DG  "H5'"  H N N 96  
DG  "H5''" H N N 97  
DG  "H4'"  H N N 98  
DG  "H3'"  H N N 99  
DG  "HO3'" H N N 100 
DG  "H2'"  H N N 101 
DG  "H2''" H N N 102 
DG  "H1'"  H N N 103 
DG  H8     H N N 104 
DG  H1     H N N 105 
DG  H21    H N N 106 
DG  H22    H N N 107 
DT  OP3    O N N 108 
DT  P      P N N 109 
DT  OP1    O N N 110 
DT  OP2    O N N 111 
DT  "O5'"  O N N 112 
DT  "C5'"  C N N 113 
DT  "C4'"  C N R 114 
DT  "O4'"  O N N 115 
DT  "C3'"  C N S 116 
DT  "O3'"  O N N 117 
DT  "C2'"  C N N 118 
DT  "C1'"  C N R 119 
DT  N1     N N N 120 
DT  C2     C N N 121 
DT  O2     O N N 122 
DT  N3     N N N 123 
DT  C4     C N N 124 
DT  O4     O N N 125 
DT  C5     C N N 126 
DT  C7     C N N 127 
DT  C6     C N N 128 
DT  HOP3   H N N 129 
DT  HOP2   H N N 130 
DT  "H5'"  H N N 131 
DT  "H5''" H N N 132 
DT  "H4'"  H N N 133 
DT  "H3'"  H N N 134 
DT  "HO3'" H N N 135 
DT  "H2'"  H N N 136 
DT  "H2''" H N N 137 
DT  "H1'"  H N N 138 
DT  H3     H N N 139 
DT  H71    H N N 140 
DT  H72    H N N 141 
DT  H73    H N N 142 
DT  H6     H N N 143 
HOH O      O N N 144 
HOH H1     H N N 145 
HOH H2     H N N 146 
SPM N1     N N N 147 
SPM C2     C N N 148 
SPM C3     C N N 149 
SPM C4     C N N 150 
SPM N5     N N N 151 
SPM C6     C N N 152 
SPM C7     C N N 153 
SPM C8     C N N 154 
SPM C9     C N N 155 
SPM N10    N N N 156 
SPM C11    C N N 157 
SPM C12    C N N 158 
SPM C13    C N N 159 
SPM N14    N N N 160 
SPM HN11   H N N 161 
SPM HN12   H N N 162 
SPM H21    H N N 163 
SPM H22    H N N 164 
SPM H31    H N N 165 
SPM H32    H N N 166 
SPM H41    H N N 167 
SPM H42    H N N 168 
SPM HN5    H N N 169 
SPM H61    H N N 170 
SPM H62    H N N 171 
SPM H71    H N N 172 
SPM H72    H N N 173 
SPM H81    H N N 174 
SPM H82    H N N 175 
SPM H91    H N N 176 
SPM H92    H N N 177 
SPM HN0    H N N 178 
SPM H111   H N N 179 
SPM H112   H N N 180 
SPM H121   H N N 181 
SPM H122   H N N 182 
SPM H131   H N N 183 
SPM H132   H N N 184 
SPM HN41   H N N 185 
SPM HN42   H N N 186 
T38 P      P N N 187 
T38 O1P    O N N 188 
T38 O2P    O N N 189 
T38 O3P    O N N 190 
T38 "O5'"  O N N 191 
T38 "C5'"  C N N 192 
T38 "C4'"  C N R 193 
T38 "O4'"  O N N 194 
T38 "C3'"  C N R 195 
T38 "O3'"  O N N 196 
T38 "C2'"  C N R 197 
T38 "O2'"  O N N 198 
T38 "C1'"  C N R 199 
T38 N1     N N N 200 
T38 C2     C N N 201 
T38 O2     O N N 202 
T38 N3     N N N 203 
T38 C4     C N N 204 
T38 O4     O N N 205 
T38 C5     C N N 206 
T38 C5M    C N N 207 
T38 C6     C N N 208 
T38 "CA'"  C N N 209 
T38 "CB'"  C N N 210 
T38 "OC'"  O N N 211 
T38 "CD'"  C N N 212 
T38 H2P    H N N 213 
T38 H3P    H N N 214 
T38 "H5'1" H N N 215 
T38 "H5'2" H N N 216 
T38 "H4'"  H N N 217 
T38 "H3'"  H N N 218 
T38 HA     H N N 219 
T38 "H2'"  H N N 220 
T38 "H1'"  H N N 221 
T38 H3     H N N 222 
T38 H5M1   H N N 223 
T38 H5M2   H N N 224 
T38 H5M3   H N N 225 
T38 H6     H N N 226 
T38 "HA'1" H N N 227 
T38 "HA'2" H N N 228 
T38 "HB'1" H N N 229 
T38 "HB'2" H N N 230 
T38 "HD'1" H N N 231 
T38 "HD'2" H N N 232 
T38 "HD'3" H N N 233 
# 
loop_
_chem_comp_bond.comp_id 
_chem_comp_bond.atom_id_1 
_chem_comp_bond.atom_id_2 
_chem_comp_bond.value_order 
_chem_comp_bond.pdbx_aromatic_flag 
_chem_comp_bond.pdbx_stereo_config 
_chem_comp_bond.pdbx_ordinal 
DA  OP3   P      sing N N 1   
DA  OP3   HOP3   sing N N 2   
DA  P     OP1    doub N N 3   
DA  P     OP2    sing N N 4   
DA  P     "O5'"  sing N N 5   
DA  OP2   HOP2   sing N N 6   
DA  "O5'" "C5'"  sing N N 7   
DA  "C5'" "C4'"  sing N N 8   
DA  "C5'" "H5'"  sing N N 9   
DA  "C5'" "H5''" sing N N 10  
DA  "C4'" "O4'"  sing N N 11  
DA  "C4'" "C3'"  sing N N 12  
DA  "C4'" "H4'"  sing N N 13  
DA  "O4'" "C1'"  sing N N 14  
DA  "C3'" "O3'"  sing N N 15  
DA  "C3'" "C2'"  sing N N 16  
DA  "C3'" "H3'"  sing N N 17  
DA  "O3'" "HO3'" sing N N 18  
DA  "C2'" "C1'"  sing N N 19  
DA  "C2'" "H2'"  sing N N 20  
DA  "C2'" "H2''" sing N N 21  
DA  "C1'" N9     sing N N 22  
DA  "C1'" "H1'"  sing N N 23  
DA  N9    C8     sing Y N 24  
DA  N9    C4     sing Y N 25  
DA  C8    N7     doub Y N 26  
DA  C8    H8     sing N N 27  
DA  N7    C5     sing Y N 28  
DA  C5    C6     sing Y N 29  
DA  C5    C4     doub Y N 30  
DA  C6    N6     sing N N 31  
DA  C6    N1     doub Y N 32  
DA  N6    H61    sing N N 33  
DA  N6    H62    sing N N 34  
DA  N1    C2     sing Y N 35  
DA  C2    N3     doub Y N 36  
DA  C2    H2     sing N N 37  
DA  N3    C4     sing Y N 38  
DC  OP3   P      sing N N 39  
DC  OP3   HOP3   sing N N 40  
DC  P     OP1    doub N N 41  
DC  P     OP2    sing N N 42  
DC  P     "O5'"  sing N N 43  
DC  OP2   HOP2   sing N N 44  
DC  "O5'" "C5'"  sing N N 45  
DC  "C5'" "C4'"  sing N N 46  
DC  "C5'" "H5'"  sing N N 47  
DC  "C5'" "H5''" sing N N 48  
DC  "C4'" "O4'"  sing N N 49  
DC  "C4'" "C3'"  sing N N 50  
DC  "C4'" "H4'"  sing N N 51  
DC  "O4'" "C1'"  sing N N 52  
DC  "C3'" "O3'"  sing N N 53  
DC  "C3'" "C2'"  sing N N 54  
DC  "C3'" "H3'"  sing N N 55  
DC  "O3'" "HO3'" sing N N 56  
DC  "C2'" "C1'"  sing N N 57  
DC  "C2'" "H2'"  sing N N 58  
DC  "C2'" "H2''" sing N N 59  
DC  "C1'" N1     sing N N 60  
DC  "C1'" "H1'"  sing N N 61  
DC  N1    C2     sing N N 62  
DC  N1    C6     sing N N 63  
DC  C2    O2     doub N N 64  
DC  C2    N3     sing N N 65  
DC  N3    C4     doub N N 66  
DC  C4    N4     sing N N 67  
DC  C4    C5     sing N N 68  
DC  N4    H41    sing N N 69  
DC  N4    H42    sing N N 70  
DC  C5    C6     doub N N 71  
DC  C5    H5     sing N N 72  
DC  C6    H6     sing N N 73  
DG  OP3   P      sing N N 74  
DG  OP3   HOP3   sing N N 75  
DG  P     OP1    doub N N 76  
DG  P     OP2    sing N N 77  
DG  P     "O5'"  sing N N 78  
DG  OP2   HOP2   sing N N 79  
DG  "O5'" "C5'"  sing N N 80  
DG  "C5'" "C4'"  sing N N 81  
DG  "C5'" "H5'"  sing N N 82  
DG  "C5'" "H5''" sing N N 83  
DG  "C4'" "O4'"  sing N N 84  
DG  "C4'" "C3'"  sing N N 85  
DG  "C4'" "H4'"  sing N N 86  
DG  "O4'" "C1'"  sing N N 87  
DG  "C3'" "O3'"  sing N N 88  
DG  "C3'" "C2'"  sing N N 89  
DG  "C3'" "H3'"  sing N N 90  
DG  "O3'" "HO3'" sing N N 91  
DG  "C2'" "C1'"  sing N N 92  
DG  "C2'" "H2'"  sing N N 93  
DG  "C2'" "H2''" sing N N 94  
DG  "C1'" N9     sing N N 95  
DG  "C1'" "H1'"  sing N N 96  
DG  N9    C8     sing Y N 97  
DG  N9    C4     sing Y N 98  
DG  C8    N7     doub Y N 99  
DG  C8    H8     sing N N 100 
DG  N7    C5     sing Y N 101 
DG  C5    C6     sing N N 102 
DG  C5    C4     doub Y N 103 
DG  C6    O6     doub N N 104 
DG  C6    N1     sing N N 105 
DG  N1    C2     sing N N 106 
DG  N1    H1     sing N N 107 
DG  C2    N2     sing N N 108 
DG  C2    N3     doub N N 109 
DG  N2    H21    sing N N 110 
DG  N2    H22    sing N N 111 
DG  N3    C4     sing N N 112 
DT  OP3   P      sing N N 113 
DT  OP3   HOP3   sing N N 114 
DT  P     OP1    doub N N 115 
DT  P     OP2    sing N N 116 
DT  P     "O5'"  sing N N 117 
DT  OP2   HOP2   sing N N 118 
DT  "O5'" "C5'"  sing N N 119 
DT  "C5'" "C4'"  sing N N 120 
DT  "C5'" "H5'"  sing N N 121 
DT  "C5'" "H5''" sing N N 122 
DT  "C4'" "O4'"  sing N N 123 
DT  "C4'" "C3'"  sing N N 124 
DT  "C4'" "H4'"  sing N N 125 
DT  "O4'" "C1'"  sing N N 126 
DT  "C3'" "O3'"  sing N N 127 
DT  "C3'" "C2'"  sing N N 128 
DT  "C3'" "H3'"  sing N N 129 
DT  "O3'" "HO3'" sing N N 130 
DT  "C2'" "C1'"  sing N N 131 
DT  "C2'" "H2'"  sing N N 132 
DT  "C2'" "H2''" sing N N 133 
DT  "C1'" N1     sing N N 134 
DT  "C1'" "H1'"  sing N N 135 
DT  N1    C2     sing N N 136 
DT  N1    C6     sing N N 137 
DT  C2    O2     doub N N 138 
DT  C2    N3     sing N N 139 
DT  N3    C4     sing N N 140 
DT  N3    H3     sing N N 141 
DT  C4    O4     doub N N 142 
DT  C4    C5     sing N N 143 
DT  C5    C7     sing N N 144 
DT  C5    C6     doub N N 145 
DT  C7    H71    sing N N 146 
DT  C7    H72    sing N N 147 
DT  C7    H73    sing N N 148 
DT  C6    H6     sing N N 149 
HOH O     H1     sing N N 150 
HOH O     H2     sing N N 151 
SPM N1    C2     sing N N 152 
SPM N1    HN11   sing N N 153 
SPM N1    HN12   sing N N 154 
SPM C2    C3     sing N N 155 
SPM C2    H21    sing N N 156 
SPM C2    H22    sing N N 157 
SPM C3    C4     sing N N 158 
SPM C3    H31    sing N N 159 
SPM C3    H32    sing N N 160 
SPM C4    N5     sing N N 161 
SPM C4    H41    sing N N 162 
SPM C4    H42    sing N N 163 
SPM N5    C6     sing N N 164 
SPM N5    HN5    sing N N 165 
SPM C6    C7     sing N N 166 
SPM C6    H61    sing N N 167 
SPM C6    H62    sing N N 168 
SPM C7    C8     sing N N 169 
SPM C7    H71    sing N N 170 
SPM C7    H72    sing N N 171 
SPM C8    C9     sing N N 172 
SPM C8    H81    sing N N 173 
SPM C8    H82    sing N N 174 
SPM C9    N10    sing N N 175 
SPM C9    H91    sing N N 176 
SPM C9    H92    sing N N 177 
SPM N10   C11    sing N N 178 
SPM N10   HN0    sing N N 179 
SPM C11   C12    sing N N 180 
SPM C11   H111   sing N N 181 
SPM C11   H112   sing N N 182 
SPM C12   C13    sing N N 183 
SPM C12   H121   sing N N 184 
SPM C12   H122   sing N N 185 
SPM C13   N14    sing N N 186 
SPM C13   H131   sing N N 187 
SPM C13   H132   sing N N 188 
SPM N14   HN41   sing N N 189 
SPM N14   HN42   sing N N 190 
T38 P     O1P    doub N N 191 
T38 P     O2P    sing N N 192 
T38 P     O3P    sing N N 193 
T38 P     "O5'"  sing N N 194 
T38 O2P   H2P    sing N N 195 
T38 O3P   H3P    sing N N 196 
T38 "O5'" "C5'"  sing N N 197 
T38 "C5'" "C4'"  sing N N 198 
T38 "C5'" "H5'1" sing N N 199 
T38 "C5'" "H5'2" sing N N 200 
T38 "C4'" "O4'"  sing N N 201 
T38 "C4'" "C3'"  sing N N 202 
T38 "C4'" "H4'"  sing N N 203 
T38 "O4'" "C1'"  sing N N 204 
T38 "C3'" "O3'"  sing N N 205 
T38 "C3'" "C2'"  sing N N 206 
T38 "C3'" "H3'"  sing N N 207 
T38 "O3'" HA     sing N N 208 
T38 "C2'" "O2'"  sing N N 209 
T38 "C2'" "C1'"  sing N N 210 
T38 "C2'" "H2'"  sing N N 211 
T38 "O2'" "CA'"  sing N N 212 
T38 "C1'" N1     sing N N 213 
T38 "C1'" "H1'"  sing N N 214 
T38 N1    C2     sing N N 215 
T38 N1    C6     sing N N 216 
T38 C2    O2     doub N N 217 
T38 C2    N3     sing N N 218 
T38 N3    C4     sing N N 219 
T38 N3    H3     sing N N 220 
T38 C4    O4     doub N N 221 
T38 C4    C5     sing N N 222 
T38 C5    C5M    sing N N 223 
T38 C5    C6     doub N N 224 
T38 C5M   H5M1   sing N N 225 
T38 C5M   H5M2   sing N N 226 
T38 C5M   H5M3   sing N N 227 
T38 C6    H6     sing N N 228 
T38 "CA'" "OC'"  sing N N 229 
T38 "CA'" "HA'1" sing N N 230 
T38 "CA'" "HA'2" sing N N 231 
T38 "CB'" "OC'"  sing N N 232 
T38 "CB'" "CD'"  sing N N 233 
T38 "CB'" "HB'1" sing N N 234 
T38 "CB'" "HB'2" sing N N 235 
T38 "CD'" "HD'1" sing N N 236 
T38 "CD'" "HD'2" sing N N 237 
T38 "CD'" "HD'3" sing N N 238 
# 
_ndb_struct_conf_na.entry_id   410D 
_ndb_struct_conf_na.feature    'a-form double helix' 
# 
loop_
_ndb_struct_na_base_pair.model_number 
_ndb_struct_na_base_pair.i_label_asym_id 
_ndb_struct_na_base_pair.i_label_comp_id 
_ndb_struct_na_base_pair.i_label_seq_id 
_ndb_struct_na_base_pair.i_symmetry 
_ndb_struct_na_base_pair.j_label_asym_id 
_ndb_struct_na_base_pair.j_label_comp_id 
_ndb_struct_na_base_pair.j_label_seq_id 
_ndb_struct_na_base_pair.j_symmetry 
_ndb_struct_na_base_pair.shear 
_ndb_struct_na_base_pair.stretch 
_ndb_struct_na_base_pair.stagger 
_ndb_struct_na_base_pair.buckle 
_ndb_struct_na_base_pair.propeller 
_ndb_struct_na_base_pair.opening 
_ndb_struct_na_base_pair.pair_number 
_ndb_struct_na_base_pair.pair_name 
_ndb_struct_na_base_pair.i_auth_asym_id 
_ndb_struct_na_base_pair.i_auth_seq_id 
_ndb_struct_na_base_pair.i_PDB_ins_code 
_ndb_struct_na_base_pair.j_auth_asym_id 
_ndb_struct_na_base_pair.j_auth_seq_id 
_ndb_struct_na_base_pair.j_PDB_ins_code 
_ndb_struct_na_base_pair.hbond_type_28 
_ndb_struct_na_base_pair.hbond_type_12 
1 A DG  1  1_555 B DC  10 1_555 -0.413 -0.164 0.223  4.754  -4.349  -1.011 1  A_DG1:DC20_B  A 1  ? B 20 ? 19 1 
1 A DC  2  1_555 B DG  9  1_555 0.230  -0.118 0.000  6.329  -13.373 0.638  2  A_DC2:DG19_B  A 2  ? B 19 ? 19 1 
1 A DG  3  1_555 B DC  8  1_555 -0.444 -0.180 0.235  -9.593 -18.726 0.299  3  A_DG3:DC18_B  A 3  ? B 18 ? 19 1 
1 A DT  4  1_555 B DA  7  1_555 -0.336 -0.088 -0.016 -5.599 -16.986 -3.878 4  A_DT4:DA17_B  A 4  ? B 17 ? 20 1 
1 A DA  5  1_555 B T38 6  1_555 0.273  -0.054 0.149  -0.049 -15.651 -4.775 5  A_DA5:T3816_B A 5  ? B 16 ? 20 1 
1 A T38 6  1_555 B DA  5  1_555 -0.053 -0.096 0.314  2.424  -14.454 9.244  6  A_T386:DA15_B A 6  ? B 15 ? 20 1 
1 A DA  7  1_555 B DT  4  1_555 -0.049 -0.110 0.061  4.684  -7.432  5.622  7  A_DA7:DT14_B  A 7  ? B 14 ? 20 1 
1 A DC  8  1_555 B DG  3  1_555 0.271  -0.122 -0.151 10.784 -12.445 2.219  8  A_DC8:DG13_B  A 8  ? B 13 ? 19 1 
1 A DG  9  1_555 B DC  2  1_555 -0.271 -0.186 -0.182 -6.971 -11.303 1.293  9  A_DG9:DC12_B  A 9  ? B 12 ? 19 1 
1 A DC  10 1_555 B DG  1  1_555 0.263  -0.131 0.146  -2.714 3.264   0.236  10 A_DC10:DG11_B A 10 ? B 11 ? 19 1 
# 
loop_
_ndb_struct_na_base_pair_step.model_number 
_ndb_struct_na_base_pair_step.i_label_asym_id_1 
_ndb_struct_na_base_pair_step.i_label_comp_id_1 
_ndb_struct_na_base_pair_step.i_label_seq_id_1 
_ndb_struct_na_base_pair_step.i_symmetry_1 
_ndb_struct_na_base_pair_step.j_label_asym_id_1 
_ndb_struct_na_base_pair_step.j_label_comp_id_1 
_ndb_struct_na_base_pair_step.j_label_seq_id_1 
_ndb_struct_na_base_pair_step.j_symmetry_1 
_ndb_struct_na_base_pair_step.i_label_asym_id_2 
_ndb_struct_na_base_pair_step.i_label_comp_id_2 
_ndb_struct_na_base_pair_step.i_label_seq_id_2 
_ndb_struct_na_base_pair_step.i_symmetry_2 
_ndb_struct_na_base_pair_step.j_label_asym_id_2 
_ndb_struct_na_base_pair_step.j_label_comp_id_2 
_ndb_struct_na_base_pair_step.j_label_seq_id_2 
_ndb_struct_na_base_pair_step.j_symmetry_2 
_ndb_struct_na_base_pair_step.shift 
_ndb_struct_na_base_pair_step.slide 
_ndb_struct_na_base_pair_step.rise 
_ndb_struct_na_base_pair_step.tilt 
_ndb_struct_na_base_pair_step.roll 
_ndb_struct_na_base_pair_step.twist 
_ndb_struct_na_base_pair_step.x_displacement 
_ndb_struct_na_base_pair_step.y_displacement 
_ndb_struct_na_base_pair_step.helical_rise 
_ndb_struct_na_base_pair_step.inclination 
_ndb_struct_na_base_pair_step.tip 
_ndb_struct_na_base_pair_step.helical_twist 
_ndb_struct_na_base_pair_step.step_number 
_ndb_struct_na_base_pair_step.step_name 
_ndb_struct_na_base_pair_step.i_auth_asym_id_1 
_ndb_struct_na_base_pair_step.i_auth_seq_id_1 
_ndb_struct_na_base_pair_step.i_PDB_ins_code_1 
_ndb_struct_na_base_pair_step.j_auth_asym_id_1 
_ndb_struct_na_base_pair_step.j_auth_seq_id_1 
_ndb_struct_na_base_pair_step.j_PDB_ins_code_1 
_ndb_struct_na_base_pair_step.i_auth_asym_id_2 
_ndb_struct_na_base_pair_step.i_auth_seq_id_2 
_ndb_struct_na_base_pair_step.i_PDB_ins_code_2 
_ndb_struct_na_base_pair_step.j_auth_asym_id_2 
_ndb_struct_na_base_pair_step.j_auth_seq_id_2 
_ndb_struct_na_base_pair_step.j_PDB_ins_code_2 
1 A DG  1 1_555 B DC  10 1_555 A DC  2  1_555 B DG  9 1_555 0.279  -1.525 3.200 2.773  0.969  39.380 -2.369 -0.095 3.174 1.436  
-4.108 39.485 1 AA_DG1DC2:DG19DC20_BB   A 1 ? B 20 ? A 2  ? B 19 ? 
1 A DC  2 1_555 B DG  9  1_555 A DG  3  1_555 B DC  8 1_555 0.039  -2.144 3.509 -0.365 10.927 24.584 -7.250 -0.172 2.356 24.192 
0.808  26.871 2 AA_DC2DG3:DC18DG19_BB   A 2 ? B 19 ? A 3  ? B 18 ? 
1 A DG  3 1_555 B DC  8  1_555 A DT  4  1_555 B DA  7 1_555 -1.009 -1.373 3.047 -0.490 4.484  40.120 -2.449 1.412  2.895 6.511  
0.712  40.363 3 AA_DG3DT4:DA17DC18_BB   A 3 ? B 18 ? A 4  ? B 17 ? 
1 A DT  4 1_555 B DA  7  1_555 A DA  5  1_555 B T38 6 1_555 0.278  -1.610 3.104 0.287  19.276 23.220 -6.182 -0.490 1.392 40.158 
-0.598 30.095 4 AA_DT4DA5:T3816DA17_BB  A 4 ? B 17 ? A 5  ? B 16 ? 
1 A DA  5 1_555 B T38 6  1_555 A T38 6  1_555 B DA  5 1_555 1.087  -1.194 3.117 0.093  8.985  33.178 -3.298 -1.828 2.714 15.386 
-0.159 34.341 5 AA_DA5T386:DA15T3816_BB A 5 ? B 16 ? A 6  ? B 15 ? 
1 A T38 6 1_555 B DA  5  1_555 A DA  7  1_555 B DT  4 1_555 -0.212 -1.533 2.987 -1.028 14.492 29.632 -4.712 0.232  2.042 26.429 
1.875  32.930 6 AA_T386DA7:DT14DA15_BB  A 6 ? B 15 ? A 7  ? B 14 ? 
1 A DA  7 1_555 B DT  4  1_555 A DC  8  1_555 B DG  3 1_555 -0.297 -1.656 3.261 0.824  3.794  29.748 -3.953 0.737  3.022 7.351  
-1.595 29.995 7 AA_DA7DC8:DG13DT14_BB   A 7 ? B 14 ? A 8  ? B 13 ? 
1 A DC  8 1_555 B DG  3  1_555 A DG  9  1_555 B DC  2 1_555 -0.529 -2.032 3.647 -1.623 12.494 28.945 -6.064 0.673  2.595 23.633 
3.070  31.515 8 AA_DC8DG9:DC12DG13_BB   A 8 ? B 13 ? A 9  ? B 12 ? 
1 A DG  9 1_555 B DC  2  1_555 A DC  10 1_555 B DG  1 1_555 0.176  -1.563 3.313 -0.355 2.924  36.248 -2.909 -0.331 3.179 4.690  
0.570  36.364 9 AA_DG9DC10:DG11DC12_BB  A 9 ? B 12 ? A 10 ? B 11 ? 
# 
_atom_sites.entry_id                    410D 
_atom_sites.fract_transf_matrix[1][1]   -0.00595285 
_atom_sites.fract_transf_matrix[1][2]   -0.02245135 
_atom_sites.fract_transf_matrix[1][3]   0.03332028 
_atom_sites.fract_transf_matrix[2][1]   -0.00814321 
_atom_sites.fract_transf_matrix[2][2]   -0.01685715 
_atom_sites.fract_transf_matrix[2][3]   -0.01281325 
_atom_sites.fract_transf_matrix[3][1]   0.01996016 
_atom_sites.fract_transf_matrix[3][2]   -0.00816890 
_atom_sites.fract_transf_matrix[3][3]   -0.00193825 
_atom_sites.fract_transf_vector[1]      0.117256 
_atom_sites.fract_transf_vector[2]      0.036845 
_atom_sites.fract_transf_vector[3]      0.257517 
# 
loop_
_atom_type.symbol 
C 
N 
O 
P 
# 
loop_
_atom_site.group_PDB 
_atom_site.id 
_atom_site.type_symbol 
_atom_site.label_atom_id 
_atom_site.label_alt_id 
_atom_site.label_comp_id 
_atom_site.label_asym_id 
_atom_site.label_entity_id 
_atom_site.label_seq_id 
_atom_site.pdbx_PDB_ins_code 
_atom_site.Cartn_x 
_atom_site.Cartn_y 
_atom_site.Cartn_z 
_atom_site.occupancy 
_atom_site.B_iso_or_equiv 
_atom_site.pdbx_formal_charge 
_atom_site.auth_seq_id 
_atom_site.auth_comp_id 
_atom_site.auth_asym_id 
_atom_site.auth_atom_id 
_atom_site.pdbx_PDB_model_num 
ATOM   1   O "O5'" . DG  A 1 1  ? 8.065   7.685   -2.419  1.00 17.07 ? 1   DG  A "O5'" 1 
ATOM   2   C "C5'" . DG  A 1 1  ? 9.256   8.028   -1.713  1.00 13.38 ? 1   DG  A "C5'" 1 
ATOM   3   C "C4'" . DG  A 1 1  ? 8.985   8.999   -0.592  1.00 11.30 ? 1   DG  A "C4'" 1 
ATOM   4   O "O4'" . DG  A 1 1  ? 8.431   10.220  -1.124  1.00 11.10 ? 1   DG  A "O4'" 1 
ATOM   5   C "C3'" . DG  A 1 1  ? 7.952   8.521   0.422   1.00 10.94 ? 1   DG  A "C3'" 1 
ATOM   6   O "O3'" . DG  A 1 1  ? 8.599   7.718   1.411   1.00 10.81 ? 1   DG  A "O3'" 1 
ATOM   7   C "C2'" . DG  A 1 1  ? 7.444   9.826   0.996   1.00 10.21 ? 1   DG  A "C2'" 1 
ATOM   8   C "C1'" . DG  A 1 1  ? 7.407   10.711  -0.249  1.00 10.55 ? 1   DG  A "C1'" 1 
ATOM   9   N N9    . DG  A 1 1  ? 6.135   10.671  -0.973  1.00 9.63  ? 1   DG  A N9    1 
ATOM   10  C C8    . DG  A 1 1  ? 5.898   10.170  -2.232  1.00 8.60  ? 1   DG  A C8    1 
ATOM   11  N N7    . DG  A 1 1  ? 4.660   10.322  -2.618  1.00 9.43  ? 1   DG  A N7    1 
ATOM   12  C C5    . DG  A 1 1  ? 4.042   10.960  -1.551  1.00 7.41  ? 1   DG  A C5    1 
ATOM   13  C C6    . DG  A 1 1  ? 2.697   11.395  -1.393  1.00 7.73  ? 1   DG  A C6    1 
ATOM   14  O O6    . DG  A 1 1  ? 1.752   11.298  -2.188  1.00 8.07  ? 1   DG  A O6    1 
ATOM   15  N N1    . DG  A 1 1  ? 2.495   11.991  -0.151  1.00 7.17  ? 1   DG  A N1    1 
ATOM   16  C C2    . DG  A 1 1  ? 3.460   12.150  0.814   1.00 7.81  ? 1   DG  A C2    1 
ATOM   17  N N2    . DG  A 1 1  ? 3.079   12.754  1.953   1.00 6.17  ? 1   DG  A N2    1 
ATOM   18  N N3    . DG  A 1 1  ? 4.712   11.747  0.678   1.00 7.78  ? 1   DG  A N3    1 
ATOM   19  C C4    . DG  A 1 1  ? 4.927   11.167  -0.521  1.00 8.25  ? 1   DG  A C4    1 
ATOM   20  P P     . DC  A 1 2  ? 7.800   6.525   2.125   1.00 11.18 ? 2   DC  A P     1 
ATOM   21  O OP1   . DC  A 1 2  ? 8.756   5.861   3.032   1.00 12.59 ? 2   DC  A OP1   1 
ATOM   22  O OP2   . DC  A 1 2  ? 7.080   5.730   1.106   1.00 11.33 ? 2   DC  A OP2   1 
ATOM   23  O "O5'" . DC  A 1 2  ? 6.693   7.253   3.012   1.00 10.32 ? 2   DC  A "O5'" 1 
ATOM   24  C "C5'" . DC  A 1 2  ? 7.078   8.078   4.136   1.00 7.93  ? 2   DC  A "C5'" 1 
ATOM   25  C "C4'" . DC  A 1 2  ? 5.867   8.793   4.682   1.00 8.37  ? 2   DC  A "C4'" 1 
ATOM   26  O "O4'" . DC  A 1 2  ? 5.272   9.607   3.646   1.00 7.27  ? 2   DC  A "O4'" 1 
ATOM   27  C "C3'" . DC  A 1 2  ? 4.750   7.867   5.127   1.00 7.97  ? 2   DC  A "C3'" 1 
ATOM   28  O "O3'" . DC  A 1 2  ? 4.999   7.455   6.468   1.00 9.75  ? 2   DC  A "O3'" 1 
ATOM   29  C "C2'" . DC  A 1 2  ? 3.528   8.758   5.018   1.00 7.56  ? 2   DC  A "C2'" 1 
ATOM   30  C "C1'" . DC  A 1 2  ? 3.850   9.607   3.788   1.00 7.45  ? 2   DC  A "C1'" 1 
ATOM   31  N N1    . DC  A 1 2  ? 3.266   9.132   2.525   1.00 6.65  ? 2   DC  A N1    1 
ATOM   32  C C2    . DC  A 1 2  ? 1.951   9.483   2.238   1.00 6.30  ? 2   DC  A C2    1 
ATOM   33  O O2    . DC  A 1 2  ? 1.299   10.086  3.091   1.00 6.56  ? 2   DC  A O2    1 
ATOM   34  N N3    . DC  A 1 2  ? 1.416   9.143   1.041   1.00 5.81  ? 2   DC  A N3    1 
ATOM   35  C C4    . DC  A 1 2  ? 2.129   8.436   0.169   1.00 6.12  ? 2   DC  A C4    1 
ATOM   36  N N4    . DC  A 1 2  ? 1.556   8.134   -0.998  1.00 6.52  ? 2   DC  A N4    1 
ATOM   37  C C5    . DC  A 1 2  ? 3.460   8.012   0.453   1.00 6.06  ? 2   DC  A C5    1 
ATOM   38  C C6    . DC  A 1 2  ? 3.989   8.382   1.635   1.00 6.91  ? 2   DC  A C6    1 
ATOM   39  P P     . DG  A 1 3  ? 4.197   6.205   7.073   1.00 10.63 ? 3   DG  A P     1 
ATOM   40  O OP1   . DG  A 1 3  ? 4.691   6.023   8.468   1.00 10.92 ? 3   DG  A OP1   1 
ATOM   41  O OP2   . DG  A 1 3  ? 4.248   5.066   6.119   1.00 9.35  ? 3   DG  A OP2   1 
ATOM   42  O "O5'" . DG  A 1 3  ? 2.721   6.771   7.174   1.00 9.11  ? 3   DG  A "O5'" 1 
ATOM   43  C "C5'" . DG  A 1 3  ? 1.580   5.923   7.056   1.00 8.48  ? 3   DG  A "C5'" 1 
ATOM   44  C "C4'" . DG  A 1 3  ? 0.347   6.778   6.904   1.00 8.62  ? 3   DG  A "C4'" 1 
ATOM   45  O "O4'" . DG  A 1 3  ? 0.433   7.561   5.690   1.00 8.72  ? 3   DG  A "O4'" 1 
ATOM   46  C "C3'" . DG  A 1 3  ? -0.940  5.989   6.766   1.00 8.41  ? 3   DG  A "C3'" 1 
ATOM   47  O "O3'" . DG  A 1 3  ? -1.429  5.712   8.075   1.00 8.55  ? 3   DG  A "O3'" 1 
ATOM   48  C "C2'" . DG  A 1 3  ? -1.838  6.964   6.032   1.00 8.35  ? 3   DG  A "C2'" 1 
ATOM   49  C "C1'" . DG  A 1 3  ? -0.861  7.657   5.095   1.00 7.66  ? 3   DG  A "C1'" 1 
ATOM   50  N N9    . DG  A 1 3  ? -0.785  7.063   3.768   1.00 6.49  ? 3   DG  A N9    1 
ATOM   51  C C8    . DG  A 1 3  ? 0.325   6.539   3.142   1.00 7.40  ? 3   DG  A C8    1 
ATOM   52  N N7    . DG  A 1 3  ? 0.080   6.139   1.924   1.00 7.17  ? 3   DG  A N7    1 
ATOM   53  C C5    . DG  A 1 3  ? -1.275  6.402   1.745   1.00 6.30  ? 3   DG  A C5    1 
ATOM   54  C C6    . DG  A 1 3  ? -2.125  6.196   0.609   1.00 7.35  ? 3   DG  A C6    1 
ATOM   55  O O6    . DG  A 1 3  ? -1.835  5.751   -0.512  1.00 7.10  ? 3   DG  A O6    1 
ATOM   56  N N1    . DG  A 1 3  ? -3.434  6.584   0.873   1.00 6.99  ? 3   DG  A N1    1 
ATOM   57  C C2    . DG  A 1 3  ? -3.880  7.114   2.067   1.00 5.83  ? 3   DG  A C2    1 
ATOM   58  N N2    . DG  A 1 3  ? -5.188  7.385   2.148   1.00 6.80  ? 3   DG  A N2    1 
ATOM   59  N N3    . DG  A 1 3  ? -3.097  7.342   3.109   1.00 5.58  ? 3   DG  A N3    1 
ATOM   60  C C4    . DG  A 1 3  ? -1.820  6.955   2.880   1.00 6.88  ? 3   DG  A C4    1 
ATOM   61  P P     . DT  A 1 4  ? -2.370  4.437   8.323   1.00 8.54  ? 4   DT  A P     1 
ATOM   62  O OP1   . DT  A 1 4  ? -2.639  4.381   9.776   1.00 9.29  ? 4   DT  A OP1   1 
ATOM   63  O OP2   . DT  A 1 4  ? -1.775  3.263   7.635   1.00 10.00 ? 4   DT  A OP2   1 
ATOM   64  O "O5'" . DT  A 1 4  ? -3.707  4.791   7.544   1.00 7.58  ? 4   DT  A "O5'" 1 
ATOM   65  C "C5'" . DT  A 1 4  ? -4.739  5.592   8.147   1.00 7.37  ? 4   DT  A "C5'" 1 
ATOM   66  C "C4'" . DT  A 1 4  ? -6.042  5.411   7.400   1.00 7.53  ? 4   DT  A "C4'" 1 
ATOM   67  O "O4'" . DT  A 1 4  ? -5.920  5.924   6.057   1.00 7.43  ? 4   DT  A "O4'" 1 
ATOM   68  C "C3'" . DT  A 1 4  ? -6.421  3.954   7.198   1.00 7.40  ? 4   DT  A "C3'" 1 
ATOM   69  O "O3'" . DT  A 1 4  ? -7.067  3.434   8.361   1.00 7.93  ? 4   DT  A "O3'" 1 
ATOM   70  C "C2'" . DT  A 1 4  ? -7.332  4.022   5.994   1.00 7.66  ? 4   DT  A "C2'" 1 
ATOM   71  C "C1'" . DT  A 1 4  ? -6.654  5.101   5.151   1.00 6.51  ? 4   DT  A "C1'" 1 
ATOM   72  N N1    . DT  A 1 4  ? -5.703  4.571   4.144   1.00 6.55  ? 4   DT  A N1    1 
ATOM   73  C C2    . DT  A 1 4  ? -6.159  4.369   2.850   1.00 6.23  ? 4   DT  A C2    1 
ATOM   74  O O2    . DT  A 1 4  ? -7.329  4.538   2.510   1.00 5.63  ? 4   DT  A O2    1 
ATOM   75  N N3    . DT  A 1 4  ? -5.200  3.946   1.966   1.00 5.63  ? 4   DT  A N3    1 
ATOM   76  C C4    . DT  A 1 4  ? -3.874  3.685   2.234   1.00 7.08  ? 4   DT  A C4    1 
ATOM   77  O O4    . DT  A 1 4  ? -3.119  3.345   1.311   1.00 7.53  ? 4   DT  A O4    1 
ATOM   78  C C5    . DT  A 1 4  ? -3.475  3.854   3.619   1.00 6.29  ? 4   DT  A C5    1 
ATOM   79  C C7    . DT  A 1 4  ? -2.072  3.512   4.019   1.00 6.45  ? 4   DT  A C7    1 
ATOM   80  C C6    . DT  A 1 4  ? -4.395  4.301   4.488   1.00 6.27  ? 4   DT  A C6    1 
ATOM   81  P P     . DA  A 1 5  ? -7.010  1.869   8.651   1.00 8.93  ? 5   DA  A P     1 
ATOM   82  O OP1   . DA  A 1 5  ? -7.779  1.649   9.905   1.00 8.04  ? 5   DA  A OP1   1 
ATOM   83  O OP2   . DA  A 1 5  ? -5.605  1.403   8.561   1.00 7.82  ? 5   DA  A OP2   1 
ATOM   84  O "O5'" . DA  A 1 5  ? -7.823  1.271   7.421   1.00 8.51  ? 5   DA  A "O5'" 1 
ATOM   85  C "C5'" . DA  A 1 5  ? -7.466  0.016   6.811   1.00 8.28  ? 5   DA  A "C5'" 1 
ATOM   86  C "C4'" . DA  A 1 5  ? -8.280  -0.166  5.553   1.00 8.74  ? 5   DA  A "C4'" 1 
ATOM   87  O "O4'" . DA  A 1 5  ? -7.931  0.859   4.590   1.00 8.35  ? 5   DA  A "O4'" 1 
ATOM   88  C "C3'" . DA  A 1 5  ? -8.046  -1.460  4.798   1.00 9.25  ? 5   DA  A "C3'" 1 
ATOM   89  O "O3'" . DA  A 1 5  ? -8.797  -2.503  5.392   1.00 9.40  ? 5   DA  A "O3'" 1 
ATOM   90  C "C2'" . DA  A 1 5  ? -8.535  -1.114  3.403   1.00 7.12  ? 5   DA  A "C2'" 1 
ATOM   91  C "C1'" . DA  A 1 5  ? -8.013  0.320   3.264   1.00 8.16  ? 5   DA  A "C1'" 1 
ATOM   92  N N9    . DA  A 1 5  ? -6.678  0.408   2.663   1.00 7.25  ? 5   DA  A N9    1 
ATOM   93  C C8    . DA  A 1 5  ? -5.471  0.613   3.287   1.00 7.76  ? 5   DA  A C8    1 
ATOM   94  N N7    . DA  A 1 5  ? -4.446  0.622   2.460   1.00 6.54  ? 5   DA  A N7    1 
ATOM   95  C C5    . DA  A 1 5  ? -5.018  0.419   1.215   1.00 5.66  ? 5   DA  A C5    1 
ATOM   96  C C6    . DA  A 1 5  ? -4.462  0.315   -0.076  1.00 6.02  ? 5   DA  A C6    1 
ATOM   97  N N6    . DA  A 1 5  ? -3.154  0.413   -0.332  1.00 5.89  ? 5   DA  A N6    1 
ATOM   98  N N1    . DA  A 1 5  ? -5.308  0.100   -1.104  1.00 6.52  ? 5   DA  A N1    1 
ATOM   99  C C2    . DA  A 1 5  ? -6.624  0.011   -0.843  1.00 6.72  ? 5   DA  A C2    1 
ATOM   100 N N3    . DA  A 1 5  ? -7.263  0.096   0.318   1.00 6.83  ? 5   DA  A N3    1 
ATOM   101 C C4    . DA  A 1 5  ? -6.393  0.293   1.323   1.00 6.96  ? 5   DA  A C4    1 
HETATM 102 P P     . T38 A 1 6  ? -8.172  -3.969  5.461   1.00 10.43 ? 6   T38 A P     1 
HETATM 103 O O1P   . T38 A 1 6  ? -9.142  -4.786  6.209   1.00 12.74 ? 6   T38 A O1P   1 
HETATM 104 O O2P   . T38 A 1 6  ? -6.764  -3.891  5.906   1.00 11.05 ? 6   T38 A O2P   1 
HETATM 105 O "O5'" . T38 A 1 6  ? -8.170  -4.428  3.947   1.00 9.73  ? 6   T38 A "O5'" 1 
HETATM 106 C "C5'" . T38 A 1 6  ? -9.407  -4.583  3.255   1.00 9.25  ? 6   T38 A "C5'" 1 
HETATM 107 C "C4'" . T38 A 1 6  ? -9.152  -4.841  1.799   1.00 10.44 ? 6   T38 A "C4'" 1 
HETATM 108 O "O4'" . T38 A 1 6  ? -8.596  -3.652  1.170   1.00 10.96 ? 6   T38 A "O4'" 1 
HETATM 109 C "C3'" . T38 A 1 6  ? -8.095  -5.892  1.523   1.00 10.54 ? 6   T38 A "C3'" 1 
HETATM 110 O "O3'" . T38 A 1 6  ? -8.621  -7.200  1.669   1.00 11.87 ? 6   T38 A "O3'" 1 
HETATM 111 C "C2'" . T38 A 1 6  ? -7.738  -5.581  0.078   1.00 10.19 ? 6   T38 A "C2'" 1 
HETATM 112 O "O2'" . T38 A 1 6  ? -8.763  -6.040  -0.786  1.00 11.68 ? 6   T38 A "O2'" 1 
HETATM 113 C "C1'" . T38 A 1 6  ? -7.700  -4.051  0.132   1.00 10.05 ? 6   T38 A "C1'" 1 
HETATM 114 N N1    . T38 A 1 6  ? -6.351  -3.569  0.474   1.00 9.44  ? 6   T38 A N1    1 
HETATM 115 C C2    . T38 A 1 6  ? -5.452  -3.402  -0.548  1.00 8.10  ? 6   T38 A C2    1 
HETATM 116 O O2    . T38 A 1 6  ? -5.734  -3.614  -1.706  1.00 9.10  ? 6   T38 A O2    1 
HETATM 117 N N3    . T38 A 1 6  ? -4.214  -2.975  -0.159  1.00 7.22  ? 6   T38 A N3    1 
HETATM 118 C C4    . T38 A 1 6  ? -3.790  -2.707  1.123   1.00 8.20  ? 6   T38 A C4    1 
HETATM 119 O O4    . T38 A 1 6  ? -2.627  -2.359  1.317   1.00 7.22  ? 6   T38 A O4    1 
HETATM 120 C C5    . T38 A 1 6  ? -4.800  -2.874  2.148   1.00 8.34  ? 6   T38 A C5    1 
HETATM 121 C C5M   . T38 A 1 6  ? -4.466  -2.555  3.565   1.00 13.63 ? 6   T38 A C5M   1 
HETATM 122 C C6    . T38 A 1 6  ? -6.008  -3.297  1.776   1.00 9.27  ? 6   T38 A C6    1 
HETATM 123 C "CA'" . T38 A 1 6  ? -8.587  -5.847  -2.183  1.00 12.80 ? 6   T38 A "CA'" 1 
HETATM 124 C "CB'" . T38 A 1 6  ? -10.569 -4.618  -2.361  1.00 16.40 ? 6   T38 A "CB'" 1 
HETATM 125 O "OC'" . T38 A 1 6  ? -9.139  -4.583  -2.533  1.00 15.11 ? 6   T38 A "OC'" 1 
HETATM 126 C "CD'" . T38 A 1 6  ? -11.113 -3.389  -1.856  1.00 17.06 ? 6   T38 A "CD'" 1 
ATOM   127 P P     . DA  A 1 7  ? -7.648  -8.385  2.108   1.00 12.31 ? 7   DA  A P     1 
ATOM   128 O OP1   . DA  A 1 7  ? -8.531  -9.543  2.351   1.00 13.32 ? 7   DA  A OP1   1 
ATOM   129 O OP2   . DA  A 1 7  ? -6.717  -7.921  3.172   1.00 12.00 ? 7   DA  A OP2   1 
ATOM   130 O "O5'" . DA  A 1 7  ? -6.806  -8.707  0.804   1.00 10.76 ? 7   DA  A "O5'" 1 
ATOM   131 C "C5'" . DA  A 1 7  ? -7.448  -9.217  -0.370  1.00 9.34  ? 7   DA  A "C5'" 1 
ATOM   132 C "C4'" . DA  A 1 7  ? -6.455  -9.277  -1.504  1.00 7.88  ? 7   DA  A "C4'" 1 
ATOM   133 O "O4'" . DA  A 1 7  ? -6.057  -7.934  -1.841  1.00 8.27  ? 7   DA  A "O4'" 1 
ATOM   134 C "C3'" . DA  A 1 7  ? -5.135  -9.967  -1.177  1.00 8.19  ? 7   DA  A "C3'" 1 
ATOM   135 O "O3'" . DA  A 1 7  ? -5.242  -11.394 -1.247  1.00 9.13  ? 7   DA  A "O3'" 1 
ATOM   136 C "C2'" . DA  A 1 7  ? -4.230  -9.404  -2.251  1.00 7.47  ? 7   DA  A "C2'" 1 
ATOM   137 C "C1'" . DA  A 1 7  ? -4.710  -7.952  -2.306  1.00 7.12  ? 7   DA  A "C1'" 1 
ATOM   138 N N9    . DA  A 1 7  ? -3.916  -7.081  -1.441  1.00 7.51  ? 7   DA  A N9    1 
ATOM   139 C C8    . DA  A 1 7  ? -4.167  -6.661  -0.153  1.00 6.72  ? 7   DA  A C8    1 
ATOM   140 N N7    . DA  A 1 7  ? -3.226  -5.893  0.340   1.00 6.94  ? 7   DA  A N7    1 
ATOM   141 C C5    . DA  A 1 7  ? -2.293  -5.801  -0.684  1.00 6.75  ? 7   DA  A C5    1 
ATOM   142 C C6    . DA  A 1 7  ? -1.061  -5.147  -0.795  1.00 6.02  ? 7   DA  A C6    1 
ATOM   143 N N6    . DA  A 1 7  ? -0.517  -4.406  0.189   1.00 6.04  ? 7   DA  A N6    1 
ATOM   144 N N1    . DA  A 1 7  ? -0.385  -5.276  -1.962  1.00 7.03  ? 7   DA  A N1    1 
ATOM   145 C C2    . DA  A 1 7  ? -0.914  -6.015  -2.938  1.00 5.15  ? 7   DA  A C2    1 
ATOM   146 N N3    . DA  A 1 7  ? -2.066  -6.675  -2.958  1.00 6.24  ? 7   DA  A N3    1 
ATOM   147 C C4    . DA  A 1 7  ? -2.714  -6.524  -1.787  1.00 6.43  ? 7   DA  A C4    1 
ATOM   148 P P     . DC  A 1 8  ? -4.279  -12.302 -0.329  1.00 10.07 ? 8   DC  A P     1 
ATOM   149 O OP1   . DC  A 1 8  ? -4.881  -13.636 -0.308  1.00 10.51 ? 8   DC  A OP1   1 
ATOM   150 O OP2   . DC  A 1 8  ? -3.963  -11.598 0.947   1.00 9.46  ? 8   DC  A OP2   1 
ATOM   151 O "O5'" . DC  A 1 8  ? -2.917  -12.367 -1.139  1.00 8.72  ? 8   DC  A "O5'" 1 
ATOM   152 C "C5'" . DC  A 1 8  ? -2.893  -12.882 -2.472  1.00 7.06  ? 8   DC  A "C5'" 1 
ATOM   153 C "C4'" . DC  A 1 8  ? -1.626  -12.446 -3.163  1.00 7.04  ? 8   DC  A "C4'" 1 
ATOM   154 O "O4'" . DC  A 1 8  ? -1.566  -11.004 -3.212  1.00 7.05  ? 8   DC  A "O4'" 1 
ATOM   155 C "C3'" . DC  A 1 8  ? -0.325  -12.849 -2.481  1.00 6.84  ? 8   DC  A "C3'" 1 
ATOM   156 O "O3'" . DC  A 1 8  ? 0.005   -14.194 -2.815  1.00 6.78  ? 8   DC  A "O3'" 1 
ATOM   157 C "C2'" . DC  A 1 8  ? 0.648   -11.860 -3.095  1.00 7.54  ? 8   DC  A "C2'" 1 
ATOM   158 C "C1'" . DC  A 1 8  ? -0.197  -10.591 -3.195  1.00 6.99  ? 8   DC  A "C1'" 1 
ATOM   159 N N1    . DC  A 1 8  ? 0.004   -9.728  -2.029  1.00 7.38  ? 8   DC  A N1    1 
ATOM   160 C C2    . DC  A 1 8  ? 1.107   -8.879  -2.029  1.00 7.25  ? 8   DC  A C2    1 
ATOM   161 O O2    . DC  A 1 8  ? 1.842   -8.872  -3.032  1.00 7.35  ? 8   DC  A O2    1 
ATOM   162 N N3    . DC  A 1 8  ? 1.351   -8.094  -0.950  1.00 6.96  ? 8   DC  A N3    1 
ATOM   163 C C4    . DC  A 1 8  ? 0.534   -8.164  0.111   1.00 6.88  ? 8   DC  A C4    1 
ATOM   164 N N4    . DC  A 1 8  ? 0.837   -7.423  1.192   1.00 6.52  ? 8   DC  A N4    1 
ATOM   165 C C5    . DC  A 1 8  ? -0.621  -9.005  0.128   1.00 6.47  ? 8   DC  A C5    1 
ATOM   166 C C6    . DC  A 1 8  ? -0.844  -9.762  -0.956  1.00 6.42  ? 8   DC  A C6    1 
ATOM   167 P P     . DG  A 1 9  ? 1.138   -14.965 -1.981  1.00 6.70  ? 9   DG  A P     1 
ATOM   168 O OP1   . DG  A 1 9  ? 1.143   -16.329 -2.567  1.00 6.13  ? 9   DG  A OP1   1 
ATOM   169 O OP2   . DG  A 1 9  ? 0.920   -14.794 -0.533  1.00 7.62  ? 9   DG  A OP2   1 
ATOM   170 O "O5'" . DG  A 1 9  ? 2.478   -14.196 -2.326  1.00 6.59  ? 9   DG  A "O5'" 1 
ATOM   171 C "C5'" . DG  A 1 9  ? 3.140   -14.375 -3.587  1.00 6.16  ? 9   DG  A "C5'" 1 
ATOM   172 C "C4'" . DG  A 1 9  ? 4.462   -13.641 -3.590  1.00 5.82  ? 9   DG  A "C4'" 1 
ATOM   173 O "O4'" . DG  A 1 9  ? 4.254   -12.219 -3.447  1.00 5.55  ? 9   DG  A "O4'" 1 
ATOM   174 C "C3'" . DG  A 1 9  ? 5.367   -13.967 -2.422  1.00 5.78  ? 9   DG  A "C3'" 1 
ATOM   175 O "O3'" . DG  A 1 9  ? 5.995   -15.218 -2.583  1.00 6.72  ? 9   DG  A "O3'" 1 
ATOM   176 C "C2'" . DG  A 1 9  ? 6.329   -12.811 -2.458  1.00 6.08  ? 9   DG  A "C2'" 1 
ATOM   177 C "C1'" . DG  A 1 9  ? 5.368   -11.666 -2.725  1.00 5.75  ? 9   DG  A "C1'" 1 
ATOM   178 N N9    . DG  A 1 9  ? 4.863   -11.087 -1.482  1.00 5.67  ? 9   DG  A N9    1 
ATOM   179 C C8    . DG  A 1 9  ? 3.619   -11.251 -0.905  1.00 6.04  ? 9   DG  A C8    1 
ATOM   180 N N7    . DG  A 1 9  ? 3.469   -10.553 0.193   1.00 5.29  ? 9   DG  A N7    1 
ATOM   181 C C5    . DG  A 1 9  ? 4.685   -9.909  0.347   1.00 5.06  ? 9   DG  A C5    1 
ATOM   182 C C6    . DG  A 1 9  ? 5.126   -8.993  1.351   1.00 6.11  ? 9   DG  A C6    1 
ATOM   183 O O6    . DG  A 1 9  ? 4.492   -8.543  2.319   1.00 7.40  ? 9   DG  A O6    1 
ATOM   184 N N1    . DG  A 1 9  ? 6.442   -8.588  1.137   1.00 6.42  ? 9   DG  A N1    1 
ATOM   185 C C2    . DG  A 1 9  ? 7.236   -9.002  0.090   1.00 5.80  ? 9   DG  A C2    1 
ATOM   186 N N2    . DG  A 1 9  ? 8.494   -8.517  0.049   1.00 6.10  ? 9   DG  A N2    1 
ATOM   187 N N3    . DG  A 1 9  ? 6.833   -9.833  -0.852  1.00 6.53  ? 9   DG  A N3    1 
ATOM   188 C C4    . DG  A 1 9  ? 5.561   -10.242 -0.663  1.00 5.18  ? 9   DG  A C4    1 
ATOM   189 P P     . DC  A 1 10 ? 6.427   -16.052 -1.288  1.00 7.09  ? 10  DC  A P     1 
ATOM   190 O OP1   . DC  A 1 10 ? 6.925   -17.331 -1.827  1.00 6.84  ? 10  DC  A OP1   1 
ATOM   191 O OP2   . DC  A 1 10 ? 5.308   -16.033 -0.305  1.00 6.42  ? 10  DC  A OP2   1 
ATOM   192 O "O5'" . DC  A 1 10 ? 7.628   -15.209 -0.672  1.00 5.79  ? 10  DC  A "O5'" 1 
ATOM   193 C "C5'" . DC  A 1 10 ? 8.891   -15.084 -1.358  1.00 6.69  ? 10  DC  A "C5'" 1 
ATOM   194 C "C4'" . DC  A 1 10 ? 9.869   -14.308 -0.502  1.00 6.24  ? 10  DC  A "C4'" 1 
ATOM   195 O "O4'" . DC  A 1 10 ? 9.394   -12.961 -0.298  1.00 6.40  ? 10  DC  A "O4'" 1 
ATOM   196 C "C3'" . DC  A 1 10 ? 10.126  -14.845 0.905   1.00 5.73  ? 10  DC  A "C3'" 1 
ATOM   197 O "O3'" . DC  A 1 10 ? 11.069  -15.926 0.915   1.00 6.04  ? 10  DC  A "O3'" 1 
ATOM   198 C "C2'" . DC  A 1 10 ? 10.636  -13.610 1.621   1.00 5.81  ? 10  DC  A "C2'" 1 
ATOM   199 C "C1'" . DC  A 1 10 ? 9.804   -12.499 0.997   1.00 5.74  ? 10  DC  A "C1'" 1 
ATOM   200 N N1    . DC  A 1 10 ? 8.600   -12.200 1.776   1.00 5.41  ? 10  DC  A N1    1 
ATOM   201 C C2    . DC  A 1 10 ? 8.690   -11.296 2.837   1.00 5.98  ? 10  DC  A C2    1 
ATOM   202 O O2    . DC  A 1 10 ? 9.784   -10.798 3.122   1.00 6.04  ? 10  DC  A O2    1 
ATOM   203 N N3    . DC  A 1 10 ? 7.581   -10.991 3.542   1.00 6.28  ? 10  DC  A N3    1 
ATOM   204 C C4    . DC  A 1 10 ? 6.417   -11.571 3.245   1.00 5.72  ? 10  DC  A C4    1 
ATOM   205 N N4    . DC  A 1 10 ? 5.349   -11.237 3.982   1.00 5.18  ? 10  DC  A N4    1 
ATOM   206 C C5    . DC  A 1 10 ? 6.293   -12.518 2.186   1.00 5.92  ? 10  DC  A C5    1 
ATOM   207 C C6    . DC  A 1 10 ? 7.398   -12.795 1.479   1.00 5.65  ? 10  DC  A C6    1 
ATOM   208 O "O5'" . DG  B 1 1  ? 6.340   -2.961  9.808   1.00 15.54 ? 11  DG  B "O5'" 1 
ATOM   209 C "C5'" . DG  B 1 1  ? 7.578   -2.580  10.444  1.00 14.14 ? 11  DG  B "C5'" 1 
ATOM   210 C "C4'" . DG  B 1 1  ? 8.797   -3.215  9.819   1.00 12.63 ? 11  DG  B "C4'" 1 
ATOM   211 O "O4'" . DG  B 1 1  ? 8.793   -4.642  10.046  1.00 12.51 ? 11  DG  B "O4'" 1 
ATOM   212 C "C3'" . DG  B 1 1  ? 8.891   -3.059  8.308   1.00 11.90 ? 11  DG  B "C3'" 1 
ATOM   213 O "O3'" . DG  B 1 1  ? 9.513   -1.825  7.985   1.00 10.91 ? 11  DG  B "O3'" 1 
ATOM   214 C "C2'" . DG  B 1 1  ? 9.756   -4.241  7.917   1.00 11.52 ? 11  DG  B "C2'" 1 
ATOM   215 C "C1'" . DG  B 1 1  ? 9.271   -5.319  8.884   1.00 11.34 ? 11  DG  B "C1'" 1 
ATOM   216 N N9    . DG  B 1 1  ? 8.183   -6.148  8.377   1.00 10.45 ? 11  DG  B N9    1 
ATOM   217 C C8    . DG  B 1 1  ? 6.888   -6.182  8.836   1.00 10.15 ? 11  DG  B C8    1 
ATOM   218 N N7    . DG  B 1 1  ? 6.144   -7.049  8.203   1.00 10.18 ? 11  DG  B N7    1 
ATOM   219 C C5    . DG  B 1 1  ? 7.001   -7.624  7.271   1.00 9.49  ? 11  DG  B C5    1 
ATOM   220 C C6    . DG  B 1 1  ? 6.760   -8.639  6.296   1.00 9.36  ? 11  DG  B C6    1 
ATOM   221 O O6    . DG  B 1 1  ? 5.711   -9.258  6.061   1.00 8.67  ? 11  DG  B O6    1 
ATOM   222 N N1    . DG  B 1 1  ? 7.904   -8.913  5.546   1.00 8.43  ? 11  DG  B N1    1 
ATOM   223 C C2    . DG  B 1 1  ? 9.120   -8.293  5.709   1.00 7.28  ? 11  DG  B C2    1 
ATOM   224 N N2    . DG  B 1 1  ? 10.093  -8.680  4.873   1.00 6.60  ? 11  DG  B N2    1 
ATOM   225 N N3    . DG  B 1 1  ? 9.360   -7.355  6.617   1.00 8.76  ? 11  DG  B N3    1 
ATOM   226 C C4    . DG  B 1 1  ? 8.262   -7.071  7.356   1.00 9.66  ? 11  DG  B C4    1 
ATOM   227 P P     . DC  B 1 2  ? 9.180   -1.104  6.592   1.00 9.92  ? 12  DC  B P     1 
ATOM   228 O OP1   . DC  B 1 2  ? 9.903   0.180   6.607   1.00 10.96 ? 12  DC  B OP1   1 
ATOM   229 O OP2   . DC  B 1 2  ? 7.710   -1.127  6.428   1.00 10.27 ? 12  DC  B OP2   1 
ATOM   230 O "O5'" . DC  B 1 2  ? 9.851   -2.049  5.500   1.00 9.83  ? 12  DC  B "O5'" 1 
ATOM   231 C "C5'" . DC  B 1 2  ? 11.282  -2.111  5.361   1.00 9.24  ? 12  DC  B "C5'" 1 
ATOM   232 C "C4'" . DC  B 1 2  ? 11.646  -3.091  4.270   1.00 9.67  ? 12  DC  B "C4'" 1 
ATOM   233 O "O4'" . DC  B 1 2  ? 11.217  -4.413  4.660   1.00 9.64  ? 12  DC  B "O4'" 1 
ATOM   234 C "C3'" . DC  B 1 2  ? 10.938  -2.861  2.939   1.00 8.28  ? 12  DC  B "C3'" 1 
ATOM   235 O "O3'" . DC  B 1 2  ? 11.571  -1.854  2.173   1.00 9.02  ? 12  DC  B "O3'" 1 
ATOM   236 C "C2'" . DC  B 1 2  ? 11.045  -4.226  2.300   1.00 8.39  ? 12  DC  B "C2'" 1 
ATOM   237 C "C1'" . DC  B 1 2  ? 10.766  -5.123  3.508   1.00 8.52  ? 12  DC  B "C1'" 1 
ATOM   238 N N1    . DC  B 1 2  ? 9.330   -5.421  3.678   1.00 7.94  ? 12  DC  B N1    1 
ATOM   239 C C2    . DC  B 1 2  ? 8.777   -6.443  2.901   1.00 6.82  ? 12  DC  B C2    1 
ATOM   240 O O2    . DC  B 1 2  ? 9.493   -7.024  2.085   1.00 6.55  ? 12  DC  B O2    1 
ATOM   241 N N3    . DC  B 1 2  ? 7.472   -6.767  3.055   1.00 6.82  ? 12  DC  B N3    1 
ATOM   242 C C4    . DC  B 1 2  ? 6.713   -6.089  3.916   1.00 7.21  ? 12  DC  B C4    1 
ATOM   243 N N4    . DC  B 1 2  ? 5.424   -6.441  4.010   1.00 6.60  ? 12  DC  B N4    1 
ATOM   244 C C5    . DC  B 1 2  ? 7.244   -5.020  4.711   1.00 6.11  ? 12  DC  B C5    1 
ATOM   245 C C6    . DC  B 1 2  ? 8.547   -4.727  4.564   1.00 6.86  ? 12  DC  B C6    1 
ATOM   246 P P     . DG  B 1 3  ? 10.680  -0.914  1.226   1.00 10.69 ? 13  DG  B P     1 
ATOM   247 O OP1   . DG  B 1 3  ? 11.632  0.004   0.590   1.00 11.65 ? 13  DG  B OP1   1 
ATOM   248 O OP2   . DG  B 1 3  ? 9.505   -0.383  1.960   1.00 11.07 ? 13  DG  B OP2   1 
ATOM   249 O "O5'" . DG  B 1 3  ? 10.126  -1.901  0.102   1.00 10.07 ? 13  DG  B "O5'" 1 
ATOM   250 C "C5'" . DG  B 1 3  ? 11.032  -2.529  -0.810  1.00 8.99  ? 13  DG  B "C5'" 1 
ATOM   251 C "C4'" . DG  B 1 3  ? 10.300  -3.526  -1.672  1.00 9.05  ? 13  DG  B "C4'" 1 
ATOM   252 O "O4'" . DG  B 1 3  ? 9.762   -4.604  -0.862  1.00 8.27  ? 13  DG  B "O4'" 1 
ATOM   253 C "C3'" . DG  B 1 3  ? 9.076   -3.001  -2.396  1.00 7.88  ? 13  DG  B "C3'" 1 
ATOM   254 O "O3'" . DG  B 1 3  ? 9.426   -2.204  -3.519  1.00 9.50  ? 13  DG  B "O3'" 1 
ATOM   255 C "C2'" . DG  B 1 3  ? 8.416   -4.300  -2.810  1.00 7.78  ? 13  DG  B "C2'" 1 
ATOM   256 C "C1'" . DG  B 1 3  ? 8.641   -5.161  -1.563  1.00 7.43  ? 13  DG  B "C1'" 1 
ATOM   257 N N9    . DG  B 1 3  ? 7.473   -5.099  -0.691  1.00 7.37  ? 13  DG  B N9    1 
ATOM   258 C C8    . DG  B 1 3  ? 7.295   -4.355  0.454   1.00 7.62  ? 13  DG  B C8    1 
ATOM   259 N N7    . DG  B 1 3  ? 6.093   -4.479  0.960   1.00 7.50  ? 13  DG  B N7    1 
ATOM   260 C C5    . DG  B 1 3  ? 5.457   -5.379  0.108   1.00 6.70  ? 13  DG  B C5    1 
ATOM   261 C C6    . DG  B 1 3  ? 4.133   -5.902  0.135   1.00 6.11  ? 13  DG  B C6    1 
ATOM   262 O O6    . DG  B 1 3  ? 3.230   -5.693  0.951   1.00 6.47  ? 13  DG  B O6    1 
ATOM   263 N N1    . DG  B 1 3  ? 3.896   -6.758  -0.931  1.00 6.88  ? 13  DG  B N1    1 
ATOM   264 C C2    . DG  B 1 3  ? 4.805   -7.085  -1.898  1.00 6.76  ? 13  DG  B C2    1 
ATOM   265 N N2    . DG  B 1 3  ? 4.378   -7.921  -2.847  1.00 6.70  ? 13  DG  B N2    1 
ATOM   266 N N3    . DG  B 1 3  ? 6.048   -6.617  -1.930  1.00 6.94  ? 13  DG  B N3    1 
ATOM   267 C C4    . DG  B 1 3  ? 6.298   -5.772  -0.907  1.00 7.39  ? 13  DG  B C4    1 
ATOM   268 P P     . DT  B 1 4  ? 8.399   -1.084  -4.034  1.00 9.70  ? 14  DT  B P     1 
ATOM   269 O OP1   . DT  B 1 4  ? 9.114   -0.305  -5.102  1.00 10.95 ? 14  DT  B OP1   1 
ATOM   270 O OP2   . DT  B 1 4  ? 7.860   -0.374  -2.869  1.00 10.54 ? 14  DT  B OP2   1 
ATOM   271 O "O5'" . DT  B 1 4  ? 7.226   -1.921  -4.721  1.00 8.35  ? 14  DT  B "O5'" 1 
ATOM   272 C "C5'" . DT  B 1 4  ? 7.490   -2.724  -5.877  1.00 8.77  ? 14  DT  B "C5'" 1 
ATOM   273 C "C4'" . DT  B 1 4  ? 6.274   -3.532  -6.267  1.00 8.84  ? 14  DT  B "C4'" 1 
ATOM   274 O "O4'" . DT  B 1 4  ? 5.927   -4.468  -5.222  1.00 9.66  ? 14  DT  B "O4'" 1 
ATOM   275 C "C3'" . DT  B 1 4  ? 4.990   -2.751  -6.492  1.00 9.43  ? 14  DT  B "C3'" 1 
ATOM   276 O "O3'" . DT  B 1 4  ? 4.977   -2.072  -7.749  1.00 12.51 ? 14  DT  B "O3'" 1 
ATOM   277 C "C2'" . DT  B 1 4  ? 3.964   -3.860  -6.420  1.00 7.94  ? 14  DT  B "C2'" 1 
ATOM   278 C "C1'" . DT  B 1 4  ? 4.513   -4.679  -5.245  1.00 8.28  ? 14  DT  B "C1'" 1 
ATOM   279 N N1    . DT  B 1 4  ? 3.952   -4.237  -3.949  1.00 8.58  ? 14  DT  B N1    1 
ATOM   280 C C2    . DT  B 1 4  ? 2.698   -4.720  -3.643  1.00 7.52  ? 14  DT  B C2    1 
ATOM   281 O O2    . DT  B 1 4  ? 2.096   -5.490  -4.351  1.00 8.17  ? 14  DT  B O2    1 
ATOM   282 N N3    . DT  B 1 4  ? 2.177   -4.252  -2.468  1.00 7.47  ? 14  DT  B N3    1 
ATOM   283 C C4    . DT  B 1 4  ? 2.756   -3.363  -1.589  1.00 6.69  ? 14  DT  B C4    1 
ATOM   284 O O4    . DT  B 1 4  ? 2.127   -3.016  -0.603  1.00 6.84  ? 14  DT  B O4    1 
ATOM   285 C C5    . DT  B 1 4  ? 4.080   -2.908  -1.949  1.00 6.89  ? 14  DT  B C5    1 
ATOM   286 C C7    . DT  B 1 4  ? 4.785   -1.945  -1.047  1.00 6.59  ? 14  DT  B C7    1 
ATOM   287 C C6    . DT  B 1 4  ? 4.616   -3.370  -3.095  1.00 7.18  ? 14  DT  B C6    1 
ATOM   288 P P     . DA  B 1 5  ? 4.087   -0.740  -7.907  1.00 15.95 ? 15  DA  B P     1 
ATOM   289 O OP1   . DA  B 1 5  ? 4.471   -0.128  -9.208  1.00 17.92 ? 15  DA  B OP1   1 
ATOM   290 O OP2   . DA  B 1 5  ? 4.165   0.070   -6.668  1.00 14.95 ? 15  DA  B OP2   1 
ATOM   291 O "O5'" . DA  B 1 5  ? 2.607   -1.316  -8.019  1.00 13.03 ? 15  DA  B "O5'" 1 
ATOM   292 C "C5'" . DA  B 1 5  ? 2.292   -2.340  -8.975  1.00 12.07 ? 15  DA  B "C5'" 1 
ATOM   293 C "C4'" . DA  B 1 5  ? 0.892   -2.866  -8.748  1.00 10.54 ? 15  DA  B "C4'" 1 
ATOM   294 O "O4'" . DA  B 1 5  ? 0.843   -3.575  -7.489  1.00 10.03 ? 15  DA  B "O4'" 1 
ATOM   295 C "C3'" . DA  B 1 5  ? -0.192  -1.803  -8.615  1.00 10.92 ? 15  DA  B "C3'" 1 
ATOM   296 O "O3'" . DA  B 1 5  ? -0.660  -1.386  -9.893  1.00 11.38 ? 15  DA  B "O3'" 1 
ATOM   297 C "C2'" . DA  B 1 5  ? -1.269  -2.545  -7.857  1.00 9.18  ? 15  DA  B "C2'" 1 
ATOM   298 C "C1'" . DA  B 1 5  ? -0.439  -3.381  -6.890  1.00 9.16  ? 15  DA  B "C1'" 1 
ATOM   299 N N9    . DA  B 1 5  ? -0.237  -2.729  -5.601  1.00 8.20  ? 15  DA  B N9    1 
ATOM   300 C C8    . DA  B 1 5  ? 0.842   -2.010  -5.156  1.00 8.08  ? 15  DA  B C8    1 
ATOM   301 N N7    . DA  B 1 5  ? 0.723   -1.593  -3.910  1.00 7.22  ? 15  DA  B N7    1 
ATOM   302 C C5    . DA  B 1 5  ? -0.523  -2.067  -3.518  1.00 7.65  ? 15  DA  B C5    1 
ATOM   303 C C6    . DA  B 1 5  ? -1.238  -1.996  -2.304  1.00 7.45  ? 15  DA  B C6    1 
ATOM   304 N N6    . DA  B 1 5  ? -0.783  -1.398  -1.192  1.00 7.21  ? 15  DA  B N6    1 
ATOM   305 N N1    . DA  B 1 5  ? -2.460  -2.578  -2.264  1.00 7.50  ? 15  DA  B N1    1 
ATOM   306 C C2    . DA  B 1 5  ? -2.926  -3.190  -3.356  1.00 7.16  ? 15  DA  B C2    1 
ATOM   307 N N3    . DA  B 1 5  ? -2.346  -3.337  -4.548  1.00 8.69  ? 15  DA  B N3    1 
ATOM   308 C C4    . DA  B 1 5  ? -1.131  -2.752  -4.562  1.00 7.82  ? 15  DA  B C4    1 
HETATM 309 P P     . T38 B 1 6  ? -1.342  0.060   -10.047 1.00 11.65 ? 16  T38 B P     1 
HETATM 310 O O1P   . T38 B 1 6  ? -1.410  0.323   -11.507 1.00 13.63 ? 16  T38 B O1P   1 
HETATM 311 O O2P   . T38 B 1 6  ? -0.680  1.038   -9.162  1.00 11.99 ? 16  T38 B O2P   1 
HETATM 312 O "O5'" . T38 B 1 6  ? -2.828  -0.149  -9.506  1.00 9.92  ? 16  T38 B "O5'" 1 
HETATM 313 C "C5'" . T38 B 1 6  ? -3.729  -0.991  -10.207 1.00 9.60  ? 16  T38 B "C5'" 1 
HETATM 314 C "C4'" . T38 B 1 6  ? -4.998  -1.128  -9.432  1.00 10.85 ? 16  T38 B "C4'" 1 
HETATM 315 O "O4'" . T38 B 1 6  ? -4.697  -1.745  -8.163  1.00 9.36  ? 16  T38 B "O4'" 1 
HETATM 316 C "C3'" . T38 B 1 6  ? -5.689  0.173   -9.046  1.00 11.71 ? 16  T38 B "C3'" 1 
HETATM 317 O "O3'" . T38 B 1 6  ? -6.452  0.653   -10.126 1.00 15.98 ? 16  T38 B "O3'" 1 
HETATM 318 C "C2'" . T38 B 1 6  ? -6.562  -0.298  -7.900  1.00 11.98 ? 16  T38 B "C2'" 1 
HETATM 319 O "O2'" . T38 B 1 6  ? -7.689  -1.040  -8.379  1.00 14.14 ? 16  T38 B "O2'" 1 
HETATM 320 C "C1'" . T38 B 1 6  ? -5.600  -1.252  -7.183  1.00 10.23 ? 16  T38 B "C1'" 1 
HETATM 321 N N1    . T38 B 1 6  ? -4.797  -0.632  -6.126  1.00 8.60  ? 16  T38 B N1    1 
HETATM 322 C C2    . T38 B 1 6  ? -5.332  -0.568  -4.867  1.00 8.15  ? 16  T38 B C2    1 
HETATM 323 O O2    . T38 B 1 6  ? -6.481  -0.915  -4.605  1.00 8.24  ? 16  T38 B O2    1 
HETATM 324 N N3    . T38 B 1 6  ? -4.486  -0.087  -3.902  1.00 8.13  ? 16  T38 B N3    1 
HETATM 325 C C4    . T38 B 1 6  ? -3.194  0.375   -4.083  1.00 8.90  ? 16  T38 B C4    1 
HETATM 326 O O4    . T38 B 1 6  ? -2.537  0.768   -3.130  1.00 7.48  ? 16  T38 B O4    1 
HETATM 327 C C5    . T38 B 1 6  ? -2.720  0.326   -5.457  1.00 8.97  ? 16  T38 B C5    1 
HETATM 328 C C5M   . T38 B 1 6  ? -1.345  0.825   -5.761  1.00 15.18 ? 16  T38 B C5M   1 
HETATM 329 C C6    . T38 B 1 6  ? -3.531  -0.176  -6.397  1.00 8.53  ? 16  T38 B C6    1 
HETATM 330 C "CA'" . T38 B 1 6  ? -9.001  -0.511  -8.054  1.00 19.69 ? 16  T38 B "CA'" 1 
HETATM 331 C "CB'" . T38 B 1 6  ? -10.723 -0.488  -6.322  1.00 27.01 ? 16  T38 B "CB'" 1 
HETATM 332 O "OC'" . T38 B 1 6  ? -9.394  -0.901  -6.726  1.00 25.63 ? 16  T38 B "OC'" 1 
HETATM 333 C "CD'" . T38 B 1 6  ? -11.068 -0.956  -5.002  1.00 26.75 ? 16  T38 B "CD'" 1 
ATOM   334 P P     . DA  B 1 7  ? -6.446  2.230   -10.477 1.00 18.44 ? 17  DA  B P     1 
ATOM   335 O OP1   . DA  B 1 7  ? -7.396  2.309   -11.629 1.00 19.73 ? 17  DA  B OP1   1 
ATOM   336 O OP2   . DA  B 1 7  ? -5.053  2.721   -10.642 1.00 18.51 ? 17  DA  B OP2   1 
ATOM   337 O "O5'" . DA  B 1 7  ? -7.012  2.963   -9.162  1.00 18.41 ? 17  DA  B "O5'" 1 
ATOM   338 C "C5'" . DA  B 1 7  ? -8.422  3.112   -8.960  1.00 17.98 ? 17  DA  B "C5'" 1 
ATOM   339 C "C4'" . DA  B 1 7  ? -8.754  3.418   -7.513  1.00 15.24 ? 17  DA  B "C4'" 1 
ATOM   340 O "O4'" . DA  B 1 7  ? -8.104  2.505   -6.596  1.00 13.84 ? 17  DA  B "O4'" 1 
ATOM   341 C "C3'" . DA  B 1 7  ? -8.477  4.790   -6.907  1.00 14.60 ? 17  DA  B "C3'" 1 
ATOM   342 O "O3'" . DA  B 1 7  ? -9.424  5.764   -7.367  1.00 13.40 ? 17  DA  B "O3'" 1 
ATOM   343 C "C2'" . DA  B 1 7  ? -8.752  4.490   -5.447  1.00 13.69 ? 17  DA  B "C2'" 1 
ATOM   344 C "C1'" . DA  B 1 7  ? -8.239  3.060   -5.283  1.00 12.90 ? 17  DA  B "C1'" 1 
ATOM   345 N N9    . DA  B 1 7  ? -6.931  3.079   -4.642  1.00 11.08 ? 17  DA  B N9    1 
ATOM   346 C C8    . DA  B 1 7  ? -5.681  3.068   -5.218  1.00 10.20 ? 17  DA  B C8    1 
ATOM   347 N N7    . DA  B 1 7  ? -4.705  3.166   -4.345  1.00 10.57 ? 17  DA  B N7    1 
ATOM   348 C C5    . DA  B 1 7  ? -5.356  3.221   -3.117  1.00 9.72  ? 17  DA  B C5    1 
ATOM   349 C C6    . DA  B 1 7  ? -4.882  3.329   -1.788  1.00 8.95  ? 17  DA  B C6    1 
ATOM   350 N N6    . DA  B 1 7  ? -3.577  3.380   -1.464  1.00 7.35  ? 17  DA  B N6    1 
ATOM   351 N N1    . DA  B 1 7  ? -5.805  3.383   -0.795  1.00 7.87  ? 17  DA  B N1    1 
ATOM   352 C C2    . DA  B 1 7  ? -7.104  3.317   -1.121  1.00 8.60  ? 17  DA  B C2    1 
ATOM   353 N N3    . DA  B 1 7  ? -7.664  3.200   -2.320  1.00 8.86  ? 17  DA  B N3    1 
ATOM   354 C C4    . DA  B 1 7  ? -6.726  3.159   -3.286  1.00 9.50  ? 17  DA  B C4    1 
ATOM   355 P P     . DC  B 1 8  ? -9.079  7.338   -7.291  1.00 13.21 ? 18  DC  B P     1 
ATOM   356 O OP1   . DC  B 1 8  ? -10.130 8.006   -8.104  1.00 15.53 ? 18  DC  B OP1   1 
ATOM   357 O OP2   . DC  B 1 8  ? -7.639  7.603   -7.584  1.00 13.84 ? 18  DC  B OP2   1 
ATOM   358 O "O5'" . DC  B 1 8  ? -9.279  7.737   -5.763  1.00 11.66 ? 18  DC  B "O5'" 1 
ATOM   359 C "C5'" . DC  B 1 8  ? -10.522 7.485   -5.085  1.00 10.79 ? 18  DC  B "C5'" 1 
ATOM   360 C "C4'" . DC  B 1 8  ? -10.335 7.641   -3.595  1.00 9.80  ? 18  DC  B "C4'" 1 
ATOM   361 O "O4'" . DC  B 1 8  ? -9.438  6.632   -3.087  1.00 8.59  ? 18  DC  B "O4'" 1 
ATOM   362 C "C3'" . DC  B 1 8  ? -9.707  8.960   -3.181  1.00 9.75  ? 18  DC  B "C3'" 1 
ATOM   363 O "O3'" . DC  B 1 8  ? -10.748 9.949   -3.110  1.00 12.10 ? 18  DC  B "O3'" 1 
ATOM   364 C "C2'" . DC  B 1 8  ? -9.110  8.620   -1.824  1.00 9.10  ? 18  DC  B "C2'" 1 
ATOM   365 C "C1'" . DC  B 1 8  ? -8.684  7.159   -2.001  1.00 8.40  ? 18  DC  B "C1'" 1 
ATOM   366 N N1    . DC  B 1 8  ? -7.256  6.963   -2.311  1.00 8.44  ? 18  DC  B N1    1 
ATOM   367 C C2    . DC  B 1 8  ? -6.352  6.834   -1.252  1.00 8.49  ? 18  DC  B C2    1 
ATOM   368 O O2    . DC  B 1 8  ? -6.773  6.894   -0.091  1.00 7.03  ? 18  DC  B O2    1 
ATOM   369 N N3    . DC  B 1 8  ? -5.034  6.660   -1.523  1.00 8.45  ? 18  DC  B N3    1 
ATOM   370 C C4    . DC  B 1 8  ? -4.615  6.607   -2.793  1.00 8.27  ? 18  DC  B C4    1 
ATOM   371 N N4    . DC  B 1 8  ? -3.317  6.421   -3.009  1.00 8.76  ? 18  DC  B N4    1 
ATOM   372 C C5    . DC  B 1 8  ? -5.514  6.740   -3.889  1.00 7.42  ? 18  DC  B C5    1 
ATOM   373 C C6    . DC  B 1 8  ? -6.814  6.910   -3.606  1.00 8.34  ? 18  DC  B C6    1 
ATOM   374 P P     . DG  B 1 9  ? -10.381 11.501  -2.898  1.00 14.28 ? 19  DG  B P     1 
ATOM   375 O OP1   . DG  B 1 9  ? -11.677 12.255  -2.838  1.00 13.95 ? 19  DG  B OP1   1 
ATOM   376 O OP2   . DG  B 1 9  ? -9.319  11.908  -3.861  1.00 11.86 ? 19  DG  B OP2   1 
ATOM   377 O "O5'" . DG  B 1 9  ? -9.773  11.490  -1.424  1.00 12.34 ? 19  DG  B "O5'" 1 
ATOM   378 C "C5'" . DG  B 1 9  ? -8.717  12.363  -1.058  1.00 9.78  ? 19  DG  B "C5'" 1 
ATOM   379 C "C4'" . DG  B 1 9  ? -8.192  11.991  0.304   1.00 8.51  ? 19  DG  B "C4'" 1 
ATOM   380 O "O4'" . DG  B 1 9  ? -7.568  10.692  0.249   1.00 7.93  ? 19  DG  B "O4'" 1 
ATOM   381 C "C3'" . DG  B 1 9  ? -7.091  12.933  0.760   1.00 8.31  ? 19  DG  B "C3'" 1 
ATOM   382 O "O3'" . DG  B 1 9  ? -7.699  14.027  1.440   1.00 7.91  ? 19  DG  B "O3'" 1 
ATOM   383 C "C2'" . DG  B 1 9  ? -6.254  12.066  1.681   1.00 6.55  ? 19  DG  B "C2'" 1 
ATOM   384 C "C1'" . DG  B 1 9  ? -6.353  10.705  1.005   1.00 6.62  ? 19  DG  B "C1'" 1 
ATOM   385 N N9    . DG  B 1 9  ? -5.257  10.372  0.098   1.00 6.27  ? 19  DG  B N9    1 
ATOM   386 C C8    . DG  B 1 9  ? -5.330  10.091  -1.248  1.00 5.75  ? 19  DG  B C8    1 
ATOM   387 N N7    . DG  B 1 9  ? -4.177  9.749   -1.761  1.00 6.89  ? 19  DG  B N7    1 
ATOM   388 C C5    . DG  B 1 9  ? -3.291  9.826   -0.694  1.00 5.48  ? 19  DG  B C5    1 
ATOM   389 C C6    . DG  B 1 9  ? -1.892  9.545   -0.620  1.00 6.08  ? 19  DG  B C6    1 
ATOM   390 O O6    . DG  B 1 9  ? -1.132  9.128   -1.507  1.00 5.83  ? 19  DG  B O6    1 
ATOM   391 N N1    . DG  B 1 9  ? -1.392  9.775   0.654   1.00 5.46  ? 19  DG  B N1    1 
ATOM   392 C C2    . DG  B 1 9  ? -2.130  10.213  1.728   1.00 6.47  ? 19  DG  B C2    1 
ATOM   393 N N2    . DG  B 1 9  ? -1.462  10.414  2.876   1.00 5.06  ? 19  DG  B N2    1 
ATOM   394 N N3    . DG  B 1 9  ? -3.432  10.447  1.679   1.00 5.89  ? 19  DG  B N3    1 
ATOM   395 C C4    . DG  B 1 9  ? -3.944  10.235  0.451   1.00 5.90  ? 19  DG  B C4    1 
ATOM   396 P P     . DC  B 1 10 ? -7.030  15.472  1.354   1.00 7.48  ? 20  DC  B P     1 
ATOM   397 O OP1   . DC  B 1 10 ? -7.918  16.351  2.159   1.00 7.65  ? 20  DC  B OP1   1 
ATOM   398 O OP2   . DC  B 1 10 ? -6.763  15.797  -0.075  1.00 7.97  ? 20  DC  B OP2   1 
ATOM   399 O "O5'" . DC  B 1 10 ? -5.624  15.290  2.101   1.00 6.73  ? 20  DC  B "O5'" 1 
ATOM   400 C "C5'" . DC  B 1 10 ? -5.549  15.165  3.533   1.00 4.96  ? 20  DC  B "C5'" 1 
ATOM   401 C "C4'" . DC  B 1 10 ? -4.104  15.065  3.950   1.00 5.75  ? 20  DC  B "C4'" 1 
ATOM   402 O "O4'" . DC  B 1 10 ? -3.529  13.888  3.355   1.00 5.70  ? 20  DC  B "O4'" 1 
ATOM   403 C "C3'" . DC  B 1 10 ? -3.216  16.199  3.453   1.00 5.53  ? 20  DC  B "C3'" 1 
ATOM   404 O "O3'" . DC  B 1 10 ? -3.272  17.301  4.357   1.00 7.63  ? 20  DC  B "O3'" 1 
ATOM   405 C "C2'" . DC  B 1 10 ? -1.842  15.556  3.435   1.00 5.57  ? 20  DC  B "C2'" 1 
ATOM   406 C "C1'" . DC  B 1 10 ? -2.142  14.101  3.098   1.00 5.09  ? 20  DC  B "C1'" 1 
ATOM   407 N N1    . DC  B 1 10 ? -1.859  13.691  1.718   1.00 4.81  ? 20  DC  B N1    1 
ATOM   408 C C2    . DC  B 1 10 ? -0.543  13.341  1.386   1.00 5.02  ? 20  DC  B C2    1 
ATOM   409 O O2    . DC  B 1 10 ? 0.352   13.475  2.248   1.00 6.09  ? 20  DC  B O2    1 
ATOM   410 N N3    . DC  B 1 10 ? -0.273  12.878  0.142   1.00 5.13  ? 20  DC  B N3    1 
ATOM   411 C C4    . DC  B 1 10 ? -1.252  12.787  -0.767  1.00 5.41  ? 20  DC  B C4    1 
ATOM   412 N N4    . DC  B 1 10 ? -0.940  12.299  -1.976  1.00 5.93  ? 20  DC  B N4    1 
ATOM   413 C C5    . DC  B 1 10 ? -2.595  13.184  -0.476  1.00 6.00  ? 20  DC  B C5    1 
ATOM   414 C C6    . DC  B 1 10 ? -2.850  13.625  0.769   1.00 5.11  ? 20  DC  B C6    1 
HETATM 415 N N1    . SPM C 2 .  ? 11.091  -5.353  -7.230  1.00 10.08 ? 21  SPM B N1    1 
HETATM 416 C C2    . SPM C 2 .  ? 11.793  -4.028  -7.298  1.00 11.59 ? 21  SPM B C2    1 
HETATM 417 C C3    . SPM C 2 .  ? 11.404  -3.052  -6.191  1.00 11.66 ? 21  SPM B C3    1 
HETATM 418 C C4    . SPM C 2 .  ? 12.147  -1.763  -6.323  1.00 13.41 ? 21  SPM B C4    1 
HETATM 419 N N5    . SPM C 2 .  ? 11.974  -0.908  -5.155  1.00 13.74 ? 21  SPM B N5    1 
HETATM 420 C C6    . SPM C 2 .  ? 12.409  0.457   -5.446  1.00 18.16 ? 21  SPM B C6    1 
HETATM 421 C C7    . SPM C 2 .  ? 13.025  1.154   -4.241  1.00 23.14 ? 21  SPM B C7    1 
HETATM 422 C C8    . SPM C 2 .  ? 12.104  1.019   -3.027  1.00 26.55 ? 21  SPM B C8    1 
HETATM 423 C C9    . SPM C 2 .  ? 12.492  1.979   -1.895  1.00 30.41 ? 21  SPM B C9    1 
HETATM 424 N N10   . SPM C 2 .  ? 11.610  1.914   -0.728  1.00 33.48 ? 21  SPM B N10   1 
HETATM 425 C C11   . SPM C 2 .  ? 11.510  3.276   -0.191  1.00 35.11 ? 21  SPM B C11   1 
HETATM 426 C C12   . SPM C 2 .  ? 11.243  3.348   1.360   1.00 35.91 ? 21  SPM B C12   1 
HETATM 427 C C13   . SPM C 2 .  ? 11.491  4.836   1.667   1.00 36.92 ? 21  SPM B C13   1 
HETATM 428 N N14   . SPM C 2 .  ? 11.245  5.312   3.073   1.00 35.91 ? 21  SPM B N14   1 
HETATM 429 O O     . HOH D 3 .  ? 10.146  -18.150 -0.151  1.00 7.85  ? 101 HOH A O     1 
HETATM 430 O O     . HOH D 3 .  ? 3.456   -14.739 0.994   1.00 9.82  ? 102 HOH A O     1 
HETATM 431 O O     . HOH D 3 .  ? 7.576   -19.273 -0.119  1.00 7.25  ? 103 HOH A O     1 
HETATM 432 O O     . HOH D 3 .  ? -10.185 -0.223  0.570   1.00 7.37  ? 104 HOH A O     1 
HETATM 433 O O     . HOH D 3 .  ? 1.405   -10.885 2.112   1.00 11.80 ? 106 HOH A O     1 
HETATM 434 O O     . HOH D 3 .  ? -3.725  1.436   6.569   1.00 9.56  ? 108 HOH A O     1 
HETATM 435 O O     . HOH D 3 .  ? 3.715   -18.297 -0.066  1.00 10.44 ? 109 HOH A O     1 
HETATM 436 O O     . HOH D 3 .  ? 1.558   11.468  5.552   1.00 7.50  ? 111 HOH A O     1 
HETATM 437 O O     . HOH D 3 .  ? 3.065   -12.963 3.177   1.00 11.86 ? 113 HOH A O     1 
HETATM 438 O O     . HOH D 3 .  ? 5.064   -18.477 -3.615  1.00 8.41  ? 117 HOH A O     1 
HETATM 439 O O     . HOH D 3 .  ? 1.922   4.732   0.320   1.00 11.16 ? 118 HOH A O     1 
HETATM 440 O O     . HOH D 3 .  ? -9.649  -0.437  10.113  1.00 9.93  ? 120 HOH A O     1 
HETATM 441 O O     . HOH D 3 .  ? 3.163   4.805   3.595   1.00 12.64 ? 123 HOH A O     1 
HETATM 442 O O     . HOH D 3 .  ? 9.097   -10.530 -2.411  1.00 9.88  ? 125 HOH A O     1 
HETATM 443 O O     . HOH D 3 .  ? -8.244  3.847   11.534  1.00 15.50 ? 126 HOH A O     1 
HETATM 444 O O     . HOH D 3 .  ? 4.651   4.579   1.476   1.00 13.36 ? 130 HOH A O     1 
HETATM 445 O O     . HOH D 3 .  ? -1.190  -17.152 -3.973  1.00 12.52 ? 131 HOH A O     1 
HETATM 446 O O     . HOH D 3 .  ? 0.459   2.295   6.572   1.00 15.01 ? 132 HOH A O     1 
HETATM 447 O O     . HOH D 3 .  ? -2.796  -5.610  3.069   1.00 14.65 ? 135 HOH A O     1 
HETATM 448 O O     . HOH D 3 .  ? -1.229  -11.822 1.933   1.00 15.56 ? 136 HOH A O     1 
HETATM 449 O O     . HOH D 3 .  ? -1.898  -0.306  3.262   1.00 18.55 ? 137 HOH A O     1 
HETATM 450 O O     . HOH D 3 .  ? 10.525  -12.710 -3.624  1.00 15.86 ? 138 HOH A O     1 
HETATM 451 O O     . HOH D 3 .  ? -5.159  -5.900  4.494   1.00 15.42 ? 141 HOH A O     1 
HETATM 452 O O     . HOH D 3 .  ? -0.951  -7.491  3.468   1.00 19.90 ? 142 HOH A O     1 
HETATM 453 O O     . HOH D 3 .  ? 1.336   -17.538 0.487   1.00 20.77 ? 143 HOH A O     1 
HETATM 454 O O     . HOH D 3 .  ? 6.034   12.347  3.875   1.00 18.90 ? 145 HOH A O     1 
HETATM 455 O O     . HOH D 3 .  ? 13.129  -16.777 -1.417  1.00 18.69 ? 147 HOH A O     1 
HETATM 456 O O     . HOH D 3 .  ? 9.784   -8.076  -3.385  1.00 18.35 ? 149 HOH A O     1 
HETATM 457 O O     . HOH D 3 .  ? -6.711  -0.070  12.090  1.00 22.97 ? 152 HOH A O     1 
HETATM 458 O O     . HOH D 3 .  ? 2.382   -8.926  3.761   1.00 20.34 ? 153 HOH A O     1 
HETATM 459 O O     . HOH D 3 .  ? -6.019  -5.184  -3.892  1.00 20.14 ? 155 HOH A O     1 
HETATM 460 O O     . HOH D 3 .  ? 0.236   4.778   -1.980  1.00 23.23 ? 156 HOH A O     1 
HETATM 461 O O     . HOH D 3 .  ? -0.807  -14.586 1.473   1.00 27.77 ? 157 HOH A O     1 
HETATM 462 O O     . HOH D 3 .  ? -4.956  -1.290  9.312   1.00 20.38 ? 158 HOH A O     1 
HETATM 463 O O     . HOH D 3 .  ? 8.198   -17.066 -4.158  1.00 21.74 ? 160 HOH A O     1 
HETATM 464 O O     . HOH D 3 .  ? 3.498   6.915   10.662  1.00 21.41 ? 161 HOH A O     1 
HETATM 465 O O     . HOH D 3 .  ? -0.452  2.578   0.953   1.00 20.75 ? 162 HOH A O     1 
HETATM 466 O O     . HOH D 3 .  ? 3.308   6.700   -2.874  1.00 22.72 ? 163 HOH A O     1 
HETATM 467 O O     . HOH D 3 .  ? -3.990  -9.418  2.642   1.00 23.17 ? 165 HOH A O     1 
HETATM 468 O O     . HOH D 3 .  ? -2.004  -3.004  4.766   1.00 28.06 ? 169 HOH A O     1 
HETATM 469 O O     . HOH D 3 .  ? -3.852  6.671   11.473  1.00 26.03 ? 173 HOH A O     1 
HETATM 470 O O     . HOH D 3 .  ? -11.926 -4.681  6.187   1.00 32.95 ? 178 HOH A O     1 
HETATM 471 O O     . HOH D 3 .  ? 1.282   10.164  -4.660  1.00 34.67 ? 179 HOH A O     1 
HETATM 472 O O     . HOH D 3 .  ? -1.801  8.990   9.236   1.00 30.71 ? 182 HOH A O     1 
HETATM 473 O O     . HOH D 3 .  ? 0.266   6.167   -4.140  1.00 31.21 ? 184 HOH A O     1 
HETATM 474 O O     . HOH D 3 .  ? 6.596   5.883   -1.423  1.00 28.43 ? 186 HOH A O     1 
HETATM 475 O O     . HOH D 3 .  ? -8.893  -7.600  6.598   1.00 31.45 ? 188 HOH A O     1 
HETATM 476 O O     . HOH D 3 .  ? -0.224  5.311   11.267  1.00 37.17 ? 190 HOH A O     1 
HETATM 477 O O     . HOH D 3 .  ? 1.406   2.729   3.650   1.00 26.66 ? 192 HOH A O     1 
HETATM 478 O O     . HOH D 3 .  ? -3.664  -16.272 -3.999  1.00 24.50 ? 193 HOH A O     1 
HETATM 479 O O     . HOH D 3 .  ? 5.053   1.876   0.872   1.00 28.44 ? 197 HOH A O     1 
HETATM 480 O O     . HOH D 3 .  ? 4.049   0.832   4.684   1.00 35.57 ? 201 HOH A O     1 
HETATM 481 O O     . HOH D 3 .  ? -4.816  -12.828 3.999   1.00 35.20 ? 204 HOH A O     1 
HETATM 482 O O     . HOH D 3 .  ? 0.173   0.360   4.796   1.00 43.24 ? 205 HOH A O     1 
HETATM 483 O O     . HOH D 3 .  ? 6.246   2.934   5.408   1.00 37.78 ? 206 HOH A O     1 
HETATM 484 O O     . HOH D 3 .  ? 7.453   2.879   2.733   1.00 36.73 ? 207 HOH A O     1 
HETATM 485 O O     . HOH D 3 .  ? -8.864  -12.092 1.653   1.00 41.96 ? 209 HOH A O     1 
HETATM 486 O O     . HOH D 3 .  ? -5.137  -15.950 -1.629  1.00 41.20 ? 210 HOH A O     1 
HETATM 487 O O     . HOH D 3 .  ? 8.545   4.452   5.754   1.00 34.10 ? 212 HOH A O     1 
HETATM 488 O O     . HOH D 3 .  ? -11.355 -7.823  -0.236  1.00 38.28 ? 214 HOH A O     1 
HETATM 489 O O     . HOH D 3 .  ? 8.872   11.393  -4.361  1.00 38.72 ? 215 HOH A O     1 
HETATM 490 O O     . HOH D 3 .  ? 2.937   2.622   7.578   1.00 36.01 ? 216 HOH A O     1 
HETATM 491 O O     . HOH D 3 .  ? -0.214  -3.959  3.171   1.00 39.42 ? 218 HOH A O     1 
HETATM 492 O O     . HOH D 3 .  ? -3.957  -7.263  6.577   1.00 47.53 ? 220 HOH A O     1 
HETATM 493 O O     . HOH D 3 .  ? 5.193   11.707  -5.868  1.00 43.09 ? 221 HOH A O     1 
HETATM 494 O O     . HOH D 3 .  ? 9.836   6.775   -5.360  1.00 43.27 ? 222 HOH A O     1 
HETATM 495 O O     . HOH D 3 .  ? -3.664  -1.898  11.566  1.00 44.81 ? 224 HOH A O     1 
HETATM 496 O O     . HOH D 3 .  ? 1.683   -1.557  5.701   1.00 46.92 ? 226 HOH A O     1 
HETATM 497 O O     . HOH D 3 .  ? -8.346  -4.268  9.701   1.00 50.00 ? 229 HOH A O     1 
HETATM 498 O O     . HOH D 3 .  ? -10.511 -8.826  4.192   1.00 50.00 ? 232 HOH A O     1 
HETATM 499 O O     . HOH D 3 .  ? -4.754  3.565   12.261  1.00 32.00 ? 235 HOH A O     1 
HETATM 500 O O     . HOH D 3 .  ? -5.586  -18.844 -0.684  1.00 36.18 ? 236 HOH A O     1 
HETATM 501 O O     . HOH E 3 .  ? -3.636  9.624   -4.516  1.00 7.65  ? 105 HOH B O     1 
HETATM 502 O O     . HOH E 3 .  ? 1.002   14.140  4.790   1.00 7.23  ? 107 HOH B O     1 
HETATM 503 O O     . HOH E 3 .  ? -5.471  18.654  4.146   1.00 10.05 ? 110 HOH B O     1 
HETATM 504 O O     . HOH E 3 .  ? -6.988  11.032  -4.084  1.00 11.15 ? 112 HOH B O     1 
HETATM 505 O O     . HOH E 3 .  ? -0.986  8.742   -4.178  1.00 11.96 ? 114 HOH B O     1 
HETATM 506 O O     . HOH E 3 .  ? -5.295  13.079  -2.966  1.00 11.25 ? 115 HOH B O     1 
HETATM 507 O O     . HOH E 3 .  ? 5.141   -2.654  2.802   1.00 13.55 ? 116 HOH B O     1 
HETATM 508 O O     . HOH E 3 .  ? -2.885  12.328  -4.067  1.00 11.75 ? 119 HOH B O     1 
HETATM 509 O O     . HOH E 3 .  ? -5.864  9.600   -6.184  1.00 11.26 ? 121 HOH B O     1 
HETATM 510 O O     . HOH E 3 .  ? -8.104  17.658  4.521   1.00 13.62 ? 122 HOH B O     1 
HETATM 511 O O     . HOH E 3 .  ? 14.289  0.081   5.222   1.00 17.06 ? 124 HOH B O     1 
HETATM 512 O O     . HOH E 3 .  ? -6.677  15.451  -2.559  1.00 13.94 ? 127 HOH B O     1 
HETATM 513 O O     . HOH E 3 .  ? -8.151  18.917  1.120   1.00 11.87 ? 128 HOH B O     1 
HETATM 514 O O     . HOH E 3 .  ? -10.404 2.630   -2.772  1.00 14.69 ? 129 HOH B O     1 
HETATM 515 O O     . HOH E 3 .  ? 7.171   -1.115  3.576   1.00 13.85 ? 133 HOH B O     1 
HETATM 516 O O     . HOH E 3 .  ? -2.610  6.555   -5.900  1.00 16.81 ? 134 HOH B O     1 
HETATM 517 O O     . HOH E 3 .  ? 13.558  0.649   2.655   1.00 19.49 ? 139 HOH B O     1 
HETATM 518 O O     . HOH E 3 .  ? -8.622  -1.846  -3.104  1.00 18.86 ? 140 HOH B O     1 
HETATM 519 O O     . HOH E 3 .  ? -9.050  14.902  -4.011  1.00 19.16 ? 144 HOH B O     1 
HETATM 520 O O     . HOH E 3 .  ? 13.948  -0.924  -0.854  1.00 18.82 ? 146 HOH B O     1 
HETATM 521 O O     . HOH E 3 .  ? 7.408   -6.787  -4.599  1.00 16.57 ? 148 HOH B O     1 
HETATM 522 O O     . HOH E 3 .  ? -2.094  3.757   -4.899  1.00 18.24 ? 150 HOH B O     1 
HETATM 523 O O     . HOH E 3 .  ? 9.995   1.536   4.103   1.00 16.92 ? 151 HOH B O     1 
HETATM 524 O O     . HOH E 3 .  ? 2.187   -5.287  3.461   1.00 18.16 ? 154 HOH B O     1 
HETATM 525 O O     . HOH E 3 .  ? 11.356  -4.109  12.082  1.00 19.68 ? 159 HOH B O     1 
HETATM 526 O O     . HOH E 3 .  ? 7.027   -0.930  -10.229 1.00 23.41 ? 164 HOH B O     1 
HETATM 527 O O     . HOH E 3 .  ? -11.990 10.090  -7.614  1.00 21.58 ? 166 HOH B O     1 
HETATM 528 O O     . HOH E 3 .  ? -0.155  2.124   -2.536  1.00 20.77 ? 167 HOH B O     1 
HETATM 529 O O     . HOH E 3 .  ? -4.170  3.147   -8.333  1.00 28.42 ? 168 HOH B O     1 
HETATM 530 O O     . HOH E 3 .  ? -10.662 16.375  2.337   1.00 26.38 ? 170 HOH B O     1 
HETATM 531 O O     . HOH E 3 .  ? -4.672  6.049   -7.677  1.00 22.63 ? 171 HOH B O     1 
HETATM 532 O O     . HOH E 3 .  ? 12.673  0.768   7.111   1.00 24.88 ? 172 HOH B O     1 
HETATM 533 O O     . HOH E 3 .  ? 1.546   0.323   -1.818  1.00 26.90 ? 174 HOH B O     1 
HETATM 534 O O     . HOH E 3 .  ? 6.499   -5.837  12.365  1.00 29.62 ? 175 HOH B O     1 
HETATM 535 O O     . HOH E 3 .  ? 3.791   -10.100 8.074   1.00 29.55 ? 176 HOH B O     1 
HETATM 536 O O     . HOH E 3 .  ? 2.964   0.899   -11.258 1.00 31.08 ? 177 HOH B O     1 
HETATM 537 O O     . HOH E 3 .  ? 8.817   -4.701  13.228  1.00 32.13 ? 180 HOH B O     1 
HETATM 538 O O     . HOH E 3 .  ? 2.509   -1.641  1.664   1.00 37.24 ? 181 HOH B O     1 
HETATM 539 O O     . HOH E 3 .  ? 7.353   0.257   0.070   1.00 29.91 ? 183 HOH B O     1 
HETATM 540 O O     . HOH E 3 .  ? 5.250   0.802   -3.612  1.00 32.43 ? 185 HOH B O     1 
HETATM 541 O O     . HOH E 3 .  ? -3.271  2.347   -12.580 1.00 33.70 ? 187 HOH B O     1 
HETATM 542 O O     . HOH E 3 .  ? -11.410 14.882  0.449   1.00 32.74 ? 189 HOH B O     1 
HETATM 543 O O     . HOH E 3 .  ? -14.179 1.341   -4.600  1.00 20.57 ? 191 HOH B O     1 
HETATM 544 O O     . HOH E 3 .  ? -13.244 -0.474  -2.641  1.00 26.98 ? 194 HOH B O     1 
HETATM 545 O O     . HOH E 3 .  ? -16.885 1.406   -3.701  1.00 30.23 ? 195 HOH B O     1 
HETATM 546 O O     . HOH E 3 .  ? -4.296  10.933  -8.120  1.00 20.49 ? 196 HOH B O     1 
HETATM 547 O O     . HOH E 3 .  ? -10.533 -0.151  -2.239  1.00 33.92 ? 198 HOH B O     1 
HETATM 548 O O     . HOH E 3 .  ? -10.788 18.946  4.417   1.00 29.47 ? 199 HOH B O     1 
HETATM 549 O O     . HOH E 3 .  ? 9.850   4.481   -2.121  1.00 31.68 ? 200 HOH B O     1 
HETATM 550 O O     . HOH E 3 .  ? 15.757  2.445   5.358   1.00 31.11 ? 202 HOH B O     1 
HETATM 551 O O     . HOH E 3 .  ? 3.975   -3.971  5.178   1.00 30.74 ? 203 HOH B O     1 
HETATM 552 O O     . HOH E 3 .  ? -10.697 19.435  0.089   1.00 42.82 ? 208 HOH B O     1 
HETATM 553 O O     . HOH E 3 .  ? 8.838   1.827   -1.563  1.00 30.43 ? 211 HOH B O     1 
HETATM 554 O O     . HOH E 3 .  ? -11.207 3.857   -10.147 1.00 36.70 ? 213 HOH B O     1 
HETATM 555 O O     . HOH E 3 .  ? -13.763 -2.809  -4.407  1.00 37.67 ? 217 HOH B O     1 
HETATM 556 O O     . HOH E 3 .  ? 12.618  4.668   5.635   1.00 41.54 ? 219 HOH B O     1 
HETATM 557 O O     . HOH E 3 .  ? -1.663  3.263   -7.982  1.00 40.82 ? 223 HOH B O     1 
HETATM 558 O O     . HOH E 3 .  ? 8.051   1.934   -6.601  1.00 46.30 ? 225 HOH B O     1 
HETATM 559 O O     . HOH E 3 .  ? -7.173  -3.694  -5.453  1.00 39.87 ? 227 HOH B O     1 
HETATM 560 O O     . HOH E 3 .  ? -1.755  9.549   -7.596  1.00 48.09 ? 228 HOH B O     1 
HETATM 561 O O     . HOH E 3 .  ? -14.307 10.944  -3.480  1.00 50.00 ? 230 HOH B O     1 
HETATM 562 O O     . HOH E 3 .  ? -13.038 5.882   -8.146  1.00 50.00 ? 231 HOH B O     1 
HETATM 563 O O     . HOH E 3 .  ? 12.040  6.376   -1.366  1.00 50.00 ? 233 HOH B O     1 
HETATM 564 O O     . HOH E 3 .  ? -14.244 -0.603  -7.237  1.00 50.00 ? 234 HOH B O     1 
HETATM 565 O O     . HOH E 3 .  ? 5.532   -2.338  7.104   1.00 40.02 ? 237 HOH B O     1 
HETATM 566 O O     . HOH E 3 .  ? -6.113  7.381   -9.643  0.00 29.51 ? 238 HOH B O     1 
HETATM 567 O O     . HOH E 3 .  ? -8.016  6.838   -11.188 1.00 44.21 ? 239 HOH B O     1 
HETATM 568 O O     . HOH E 3 .  ? -10.900 7.041   -10.518 0.00 38.11 ? 240 HOH B O     1 
# 
